data_9N7E
#
_entry.id   9N7E
#
_cell.length_a   1.00
_cell.length_b   1.00
_cell.length_c   1.00
_cell.angle_alpha   90.00
_cell.angle_beta   90.00
_cell.angle_gamma   90.00
#
_symmetry.space_group_name_H-M   'P 1'
#
loop_
_entity.id
_entity.type
_entity.pdbx_description
1 polymer 'Angiotensin-converting enzyme 2'
2 polymer 'VsCoV-a7-S RBD'
3 branched 2-acetamido-2-deoxy-beta-D-glucopyranose-(1-4)-2-acetamido-2-deoxy-beta-D-glucopyranose
4 non-polymer 2-acetamido-2-deoxy-beta-D-glucopyranose
5 non-polymer 'ZINC ION'
6 water water
#
loop_
_entity_poly.entity_id
_entity_poly.type
_entity_poly.pdbx_seq_one_letter_code
_entity_poly.pdbx_strand_id
1 'polypeptide(L)'
;MSGSSWLFLSLVAVTAAQSTTEKNATIFLENFNSEAEDLSHESALASWNYNTNITDENAQKMNEADSKWSAFYEKQSKLA
QTYPLQEIQNLTIKLQLQVLQQNGSSVLTADKSKRLSTILTTMSTIYSTGKVCNPNNPQECLTLSGLEDIMEKSKDYNQR
LWVWEGWRSEVGKQLRPLYEEYVVLKNEMARGNNYEDYGDYWRGDYETEGENGYNYSRSQLTEDVDRIFLEIKPLYEHLH
AYVRAKLMDTYPSRISPTGCLPAHLLGDMWGRFWTNLYNLTVPFEQKPNIDVTDAMKEQSWDAEKIFKEAEKFYMSVGLP
SMTPGFWNNSMLTEPGDGRKVVCHPTAWDLGKNDFRIKMCTKVTMDDFLTAHHEMGHIQYDMAYATQPYLLRNGANEGFH
EAVGEVMSLSVATPKHLKGMGLLPSDFSEDNETEINFLLKQALNIVGTLPFTYMLEKWRWMVFKGEIPKEQWMKKWWEMK
REIVGVVEPLPHDETYCDPASLFHVANDYSFIRYFTRTIFEFQFQEALCQIAKHQGPLHKCDISNSTEAGNKLLEMLKLG
KSKPWTFALEKITGTKKMDAKPLLNYFEPLFTWLKEQNGNSVGWHSGNYVGWSSDWSPYADQSIKVRISLKSALGEKAYE
WNDNEMYLFRSSVAYAMREYFLKVKNQTIPFRAEDVWVNDVKPRVSFKFFVTSPTNMSDIIPRSEVEDAIRMSRSRINAA
FRLDDNSLEFLGIQPTLGPPYQPPVTIGLNDIFEAQKIEWHEGGSHHHHHHHH
;
A
2 'polypeptide(L)'
;MGILPSPGMPALLSLVSLLSVLLMGCVAETGTECDFTSMLTAVPPQVYNFSRLVFTNCNYNLTKLLSLFQVTEFSCHQVS
PDALASGCYSSLTVDYFAYPSYLASYLHPGSTGEIAQYNYKQDFSNPTCRILATVPANLTIPKPARYMWLTQCYSYSAFG
NTPLYVKPSQYTPCLSLASQGFDADSQTHRDTVNKMAATGRIAAMSGNLQMAFVISVQYGTDANSVCPMQAVRLVPRGSS
SGGSGLNDIFEAQKIEWHEGGSHHHHHHHH
;
B
#
loop_
_chem_comp.id
_chem_comp.type
_chem_comp.name
_chem_comp.formula
NAG D-saccharide, beta linking 2-acetamido-2-deoxy-beta-D-glucopyranose 'C8 H15 N O6'
ZN non-polymer 'ZINC ION' 'Zn 2'
#
# COMPACT_ATOMS: atom_id res chain seq x y z
N GLN A 18 23.84 -30.95 1.49
CA GLN A 18 23.22 -32.21 1.99
C GLN A 18 23.95 -32.66 3.26
N SER A 19 24.59 -31.72 3.96
CA SER A 19 25.24 -32.07 5.25
C SER A 19 24.14 -32.48 6.24
N THR A 20 24.49 -33.24 7.27
CA THR A 20 23.43 -33.72 8.18
C THR A 20 22.66 -32.53 8.68
N THR A 21 23.34 -31.42 8.95
CA THR A 21 22.66 -30.20 9.44
C THR A 21 21.64 -29.76 8.41
N GLU A 22 22.03 -29.69 7.14
CA GLU A 22 21.10 -29.21 6.10
C GLU A 22 19.95 -30.21 5.95
N LYS A 23 20.27 -31.50 5.96
CA LYS A 23 19.22 -32.55 5.88
C LYS A 23 18.26 -32.37 7.06
N ASN A 24 18.81 -32.12 8.25
CA ASN A 24 17.97 -31.94 9.46
C ASN A 24 17.16 -30.65 9.34
N ALA A 25 17.77 -29.57 8.84
CA ALA A 25 17.04 -28.32 8.68
C ALA A 25 15.93 -28.42 7.65
N THR A 26 16.07 -29.32 6.68
CA THR A 26 15.03 -29.48 5.67
C THR A 26 13.79 -30.15 6.25
N ILE A 27 13.98 -31.17 7.09
CA ILE A 27 12.85 -31.78 7.78
C ILE A 27 12.20 -30.79 8.75
N PHE A 28 13.00 -29.93 9.38
CA PHE A 28 12.44 -28.94 10.29
C PHE A 28 11.57 -27.92 9.57
N LEU A 29 12.01 -27.46 8.40
CA LEU A 29 11.28 -26.44 7.68
C LEU A 29 10.03 -26.98 7.01
N GLU A 30 10.00 -28.27 6.69
CA GLU A 30 8.83 -28.86 6.06
C GLU A 30 7.70 -29.10 7.06
N ASN A 31 8.03 -29.33 8.33
CA ASN A 31 6.95 -29.47 9.35
C ASN A 31 6.39 -28.08 9.72
N PHE A 32 7.24 -27.06 9.77
CA PHE A 32 6.80 -25.69 10.13
C PHE A 32 5.86 -25.14 9.08
N ASN A 33 6.19 -25.34 7.80
CA ASN A 33 5.37 -24.79 6.70
C ASN A 33 3.97 -25.40 6.77
N SER A 34 3.88 -26.70 7.02
CA SER A 34 2.57 -27.41 7.10
C SER A 34 1.71 -26.81 8.23
N GLU A 35 2.32 -26.55 9.39
CA GLU A 35 1.53 -26.06 10.56
C GLU A 35 1.24 -24.56 10.46
N ALA A 36 2.10 -23.78 9.78
CA ALA A 36 1.88 -22.35 9.70
C ALA A 36 0.73 -21.99 8.76
N GLU A 37 0.45 -22.81 7.75
CA GLU A 37 -0.66 -22.51 6.86
C GLU A 37 -1.99 -22.53 7.60
N ASP A 38 -2.18 -23.50 8.49
CA ASP A 38 -3.43 -23.60 9.23
C ASP A 38 -3.58 -22.45 10.22
N LEU A 39 -2.54 -22.18 11.01
CA LEU A 39 -2.63 -21.18 12.05
C LEU A 39 -2.70 -19.76 11.48
N SER A 40 -2.02 -19.50 10.38
CA SER A 40 -2.09 -18.19 9.75
C SER A 40 -3.48 -17.91 9.22
N HIS A 41 -4.14 -18.93 8.65
CA HIS A 41 -5.48 -18.74 8.12
C HIS A 41 -6.49 -18.47 9.22
N GLU A 42 -6.40 -19.19 10.34
CA GLU A 42 -7.28 -18.94 11.47
C GLU A 42 -7.07 -17.55 12.04
N SER A 43 -5.82 -17.11 12.15
CA SER A 43 -5.54 -15.79 12.69
C SER A 43 -6.03 -14.68 11.77
N ALA A 44 -5.92 -14.88 10.45
CA ALA A 44 -6.35 -13.87 9.49
C ALA A 44 -7.86 -13.84 9.32
N LEU A 45 -8.51 -15.00 9.42
CA LEU A 45 -9.96 -15.03 9.35
C LEU A 45 -10.59 -14.30 10.55
N ALA A 46 -10.01 -14.48 11.74
CA ALA A 46 -10.50 -13.78 12.92
C ALA A 46 -10.29 -12.28 12.78
N SER A 47 -9.16 -11.87 12.20
CA SER A 47 -8.88 -10.45 12.01
C SER A 47 -9.81 -9.81 10.99
N TRP A 48 -10.23 -10.57 9.96
CA TRP A 48 -11.14 -10.03 8.96
C TRP A 48 -12.55 -9.89 9.52
N ASN A 49 -13.00 -10.87 10.30
CA ASN A 49 -14.35 -10.84 10.86
C ASN A 49 -14.53 -9.65 11.78
N TYR A 50 -13.47 -9.24 12.48
CA TYR A 50 -13.56 -8.09 13.35
C TYR A 50 -13.55 -6.77 12.57
N ASN A 51 -12.72 -6.68 11.53
CA ASN A 51 -12.57 -5.43 10.81
C ASN A 51 -13.75 -5.11 9.92
N THR A 52 -14.52 -6.11 9.50
CA THR A 52 -15.73 -5.90 8.74
C THR A 52 -16.97 -5.85 9.61
N ASN A 53 -16.84 -6.19 10.89
CA ASN A 53 -17.98 -6.24 11.82
C ASN A 53 -17.43 -5.97 13.21
N ILE A 54 -17.43 -4.70 13.61
CA ILE A 54 -16.73 -4.25 14.82
C ILE A 54 -17.67 -4.42 16.00
N THR A 55 -17.44 -5.46 16.79
CA THR A 55 -18.18 -5.73 18.02
C THR A 55 -17.20 -6.21 19.08
N ASP A 56 -17.63 -6.13 20.34
CA ASP A 56 -16.78 -6.60 21.44
C ASP A 56 -16.63 -8.11 21.43
N GLU A 57 -17.68 -8.84 21.02
CA GLU A 57 -17.57 -10.29 20.92
C GLU A 57 -16.55 -10.70 19.88
N ASN A 58 -16.52 -10.00 18.74
CA ASN A 58 -15.56 -10.29 17.69
C ASN A 58 -14.14 -9.84 18.05
N ALA A 59 -13.99 -8.91 18.99
CA ALA A 59 -12.68 -8.43 19.36
C ALA A 59 -11.94 -9.38 20.28
N GLN A 60 -12.64 -10.34 20.90
CA GLN A 60 -11.98 -11.35 21.72
C GLN A 60 -11.61 -12.59 20.93
N LYS A 61 -12.41 -12.95 19.94
CA LYS A 61 -12.03 -14.03 19.04
C LYS A 61 -10.75 -13.68 18.29
N MET A 62 -10.58 -12.41 17.92
CA MET A 62 -9.36 -11.99 17.24
C MET A 62 -8.13 -12.13 18.15
N ASN A 63 -8.26 -11.74 19.43
CA ASN A 63 -7.11 -11.79 20.32
C ASN A 63 -6.76 -13.21 20.72
N GLU A 64 -7.74 -14.10 20.78
CA GLU A 64 -7.46 -15.50 21.06
C GLU A 64 -6.65 -16.14 19.94
N ALA A 65 -6.96 -15.81 18.69
CA ALA A 65 -6.23 -16.39 17.56
C ALA A 65 -4.84 -15.80 17.43
N ASP A 66 -4.67 -14.51 17.73
CA ASP A 66 -3.33 -13.93 17.71
C ASP A 66 -2.42 -14.56 18.75
N SER A 67 -2.98 -14.94 19.90
CA SER A 67 -2.18 -15.56 20.94
C SER A 67 -1.73 -16.95 20.53
N LYS A 68 -2.55 -17.68 19.79
CA LYS A 68 -2.17 -19.00 19.33
C LYS A 68 -1.03 -18.92 18.31
N TRP A 69 -1.07 -17.94 17.41
CA TRP A 69 0.01 -17.77 16.46
C TRP A 69 1.31 -17.39 17.16
N SER A 70 1.22 -16.48 18.13
CA SER A 70 2.43 -15.98 18.79
C SER A 70 3.08 -17.05 19.64
N ALA A 71 2.28 -17.91 20.27
CA ALA A 71 2.84 -19.04 21.01
C ALA A 71 3.58 -19.99 20.09
N PHE A 72 2.98 -20.32 18.95
CA PHE A 72 3.58 -21.26 18.01
C PHE A 72 4.87 -20.70 17.41
N TYR A 73 4.85 -19.43 17.00
CA TYR A 73 6.00 -18.83 16.33
C TYR A 73 7.19 -18.69 17.26
N GLU A 74 6.95 -18.32 18.52
CA GLU A 74 8.05 -18.19 19.47
C GLU A 74 8.69 -19.53 19.77
N LYS A 75 7.89 -20.59 19.86
CA LYS A 75 8.44 -21.92 20.08
C LYS A 75 9.25 -22.41 18.88
N GLN A 76 8.83 -22.05 17.67
CA GLN A 76 9.54 -22.46 16.47
C GLN A 76 10.82 -21.66 16.25
N SER A 77 10.87 -20.42 16.72
CA SER A 77 12.10 -19.64 16.62
C SER A 77 13.19 -20.18 17.55
N LYS A 78 12.82 -20.73 18.70
CA LYS A 78 13.81 -21.34 19.57
C LYS A 78 14.31 -22.66 19.01
N LEU A 79 13.46 -23.41 18.30
CA LEU A 79 13.92 -24.62 17.64
C LEU A 79 14.84 -24.32 16.47
N ALA A 80 14.65 -23.19 15.81
CA ALA A 80 15.43 -22.84 14.62
C ALA A 80 16.88 -22.50 14.97
N GLN A 81 17.16 -22.12 16.21
CA GLN A 81 18.50 -21.66 16.60
C GLN A 81 19.52 -22.78 16.64
N THR A 82 19.11 -24.03 16.46
CA THR A 82 20.01 -25.17 16.53
C THR A 82 20.59 -25.56 15.18
N TYR A 83 20.35 -24.76 14.14
CA TYR A 83 20.88 -25.02 12.80
C TYR A 83 21.75 -23.85 12.35
N PRO A 84 23.07 -23.94 12.50
CA PRO A 84 23.94 -22.81 12.12
C PRO A 84 23.85 -22.52 10.62
N LEU A 85 23.89 -21.22 10.29
CA LEU A 85 23.69 -20.83 8.89
C LEU A 85 24.91 -21.10 8.03
N GLN A 86 26.11 -21.10 8.62
CA GLN A 86 27.32 -21.35 7.85
C GLN A 86 27.40 -22.78 7.33
N GLU A 87 26.57 -23.68 7.81
CA GLU A 87 26.56 -25.06 7.37
C GLU A 87 25.47 -25.35 6.35
N ILE A 88 24.70 -24.35 5.97
CA ILE A 88 23.61 -24.49 5.01
C ILE A 88 24.11 -23.92 3.68
N GLN A 89 24.22 -24.78 2.67
CA GLN A 89 24.64 -24.34 1.35
C GLN A 89 23.49 -23.95 0.43
N ASN A 90 22.25 -24.24 0.80
CA ASN A 90 21.10 -23.93 -0.05
C ASN A 90 20.50 -22.59 0.34
N LEU A 91 20.30 -21.73 -0.66
CA LEU A 91 19.87 -20.36 -0.42
C LEU A 91 18.41 -20.27 -0.01
N THR A 92 17.56 -21.16 -0.53
CA THR A 92 16.16 -21.19 -0.11
C THR A 92 16.03 -21.61 1.35
N ILE A 93 16.78 -22.63 1.76
CA ILE A 93 16.80 -23.04 3.16
C ILE A 93 17.38 -21.93 4.03
N LYS A 94 18.44 -21.28 3.54
CA LYS A 94 19.13 -20.28 4.33
C LYS A 94 18.29 -19.03 4.55
N LEU A 95 17.46 -18.66 3.58
CA LEU A 95 16.63 -17.46 3.75
C LEU A 95 15.50 -17.69 4.73
N GLN A 96 14.95 -18.91 4.78
CA GLN A 96 13.90 -19.22 5.72
C GLN A 96 14.42 -19.25 7.15
N LEU A 97 15.62 -19.77 7.36
CA LEU A 97 16.18 -19.85 8.71
C LEU A 97 16.58 -18.49 9.25
N GLN A 98 17.01 -17.58 8.37
CA GLN A 98 17.33 -16.22 8.80
C GLN A 98 16.12 -15.52 9.40
N VAL A 99 14.95 -15.69 8.79
CA VAL A 99 13.74 -15.05 9.29
C VAL A 99 13.40 -15.58 10.68
N LEU A 100 13.52 -16.89 10.87
CA LEU A 100 13.14 -17.51 12.12
C LEU A 100 14.14 -17.27 13.25
N GLN A 101 15.38 -16.93 12.93
CA GLN A 101 16.41 -16.78 13.93
C GLN A 101 16.56 -15.36 14.46
N GLN A 102 15.74 -14.43 13.99
CA GLN A 102 15.82 -13.05 14.47
C GLN A 102 15.33 -12.96 15.91
N ASN A 103 16.11 -12.30 16.76
CA ASN A 103 15.80 -12.22 18.17
C ASN A 103 14.94 -11.02 18.54
N GLY A 104 15.07 -9.92 17.83
CA GLY A 104 14.21 -8.77 18.11
C GLY A 104 14.53 -8.13 19.44
N SER A 105 13.51 -7.94 20.25
CA SER A 105 13.62 -7.24 21.52
C SER A 105 13.94 -8.16 22.69
N SER A 106 14.07 -9.46 22.45
CA SER A 106 14.42 -10.40 23.52
C SER A 106 15.87 -10.30 23.94
N VAL A 107 16.67 -9.47 23.26
CA VAL A 107 18.05 -9.25 23.68
C VAL A 107 18.16 -8.31 24.86
N LEU A 108 17.09 -7.62 25.22
CA LEU A 108 17.07 -6.73 26.37
C LEU A 108 16.57 -7.46 27.60
N THR A 109 16.88 -6.91 28.76
CA THR A 109 16.40 -7.50 30.00
C THR A 109 14.89 -7.31 30.13
N ALA A 110 14.32 -7.96 31.14
CA ALA A 110 12.87 -7.94 31.31
C ALA A 110 12.36 -6.54 31.63
N ASP A 111 13.09 -5.77 32.44
CA ASP A 111 12.68 -4.40 32.73
C ASP A 111 12.84 -3.50 31.51
N LYS A 112 13.97 -3.60 30.83
CA LYS A 112 14.24 -2.74 29.68
C LYS A 112 13.28 -3.04 28.53
N SER A 113 12.97 -4.31 28.30
CA SER A 113 12.01 -4.67 27.26
C SER A 113 10.63 -4.13 27.59
N LYS A 114 10.23 -4.21 28.85
CA LYS A 114 8.92 -3.71 29.26
C LYS A 114 8.84 -2.20 29.17
N ARG A 115 9.94 -1.49 29.47
CA ARG A 115 9.93 -0.04 29.37
C ARG A 115 9.74 0.41 27.94
N LEU A 116 10.35 -0.30 26.98
CA LEU A 116 10.28 0.11 25.58
C LEU A 116 8.88 -0.06 25.01
N SER A 117 8.10 -1.01 25.51
CA SER A 117 6.72 -1.16 25.07
C SER A 117 5.80 -0.11 25.69
N THR A 118 6.12 0.35 26.90
CA THR A 118 5.35 1.43 27.51
C THR A 118 5.58 2.75 26.80
N ILE A 119 6.82 3.03 26.39
CA ILE A 119 7.12 4.26 25.67
C ILE A 119 6.42 4.28 24.33
N LEU A 120 6.36 3.13 23.65
CA LEU A 120 5.72 3.09 22.34
C LEU A 120 4.23 3.30 22.42
N THR A 121 3.59 2.84 23.50
CA THR A 121 2.16 3.05 23.67
C THR A 121 1.84 4.47 24.10
N THR A 122 2.70 5.08 24.91
CA THR A 122 2.48 6.47 25.31
C THR A 122 2.61 7.41 24.13
N MET A 123 3.60 7.21 23.26
CA MET A 123 3.83 8.12 22.15
C MET A 123 2.70 8.08 21.13
N SER A 124 2.16 6.90 20.86
CA SER A 124 1.05 6.81 19.91
C SER A 124 -0.26 7.29 20.51
N THR A 125 -0.40 7.20 21.83
CA THR A 125 -1.59 7.73 22.48
C THR A 125 -1.57 9.26 22.54
N ILE A 126 -0.40 9.84 22.83
CA ILE A 126 -0.29 11.30 22.85
C ILE A 126 -0.60 11.88 21.48
N TYR A 127 -0.11 11.23 20.42
CA TYR A 127 -0.36 11.73 19.07
C TYR A 127 -1.84 11.71 18.73
N SER A 128 -2.53 10.63 19.03
CA SER A 128 -3.89 10.44 18.54
C SER A 128 -4.93 11.19 19.35
N THR A 129 -4.59 11.69 20.54
CA THR A 129 -5.49 12.50 21.34
C THR A 129 -5.04 13.95 21.41
N GLY A 130 -4.16 14.36 20.50
CA GLY A 130 -3.69 15.73 20.51
C GLY A 130 -4.78 16.71 20.10
N LYS A 131 -4.78 17.87 20.75
CA LYS A 131 -5.86 18.82 20.60
C LYS A 131 -5.33 20.23 20.74
N VAL A 132 -5.49 21.04 19.71
CA VAL A 132 -5.03 22.41 19.67
C VAL A 132 -6.24 23.33 19.61
N CYS A 133 -6.08 24.56 20.11
CA CYS A 133 -7.14 25.53 19.88
C CYS A 133 -6.69 26.97 19.96
N ASN A 134 -7.64 27.83 19.64
CA ASN A 134 -7.38 29.18 19.19
C ASN A 134 -6.91 30.07 20.33
N PRO A 135 -5.79 30.77 20.17
CA PRO A 135 -5.40 31.76 21.18
C PRO A 135 -6.40 32.89 21.35
N ASN A 136 -7.27 33.14 20.37
CA ASN A 136 -8.24 34.22 20.44
C ASN A 136 -9.66 33.74 20.66
N ASN A 137 -9.86 32.46 20.95
CA ASN A 137 -11.19 31.91 21.14
C ASN A 137 -11.08 30.57 21.85
N PRO A 138 -10.89 30.56 23.18
CA PRO A 138 -10.54 29.32 23.86
C PRO A 138 -11.61 28.25 23.84
N GLN A 139 -12.86 28.62 23.60
CA GLN A 139 -13.94 27.65 23.74
C GLN A 139 -14.03 26.70 22.55
N GLU A 140 -13.38 26.99 21.43
CA GLU A 140 -13.41 26.10 20.28
C GLU A 140 -12.03 25.46 20.12
N CYS A 141 -11.96 24.16 20.38
CA CYS A 141 -10.72 23.42 20.30
C CYS A 141 -10.88 22.24 19.34
N LEU A 142 -9.77 21.82 18.73
CA LEU A 142 -9.81 20.96 17.56
C LEU A 142 -8.86 19.78 17.71
N THR A 143 -9.28 18.65 17.16
CA THR A 143 -8.43 17.48 17.03
C THR A 143 -7.78 17.48 15.65
N LEU A 144 -6.96 16.46 15.40
CA LEU A 144 -6.13 16.44 14.19
C LEU A 144 -6.97 16.42 12.92
N SER A 145 -8.13 15.75 12.95
CA SER A 145 -8.98 15.71 11.77
C SER A 145 -9.47 17.10 11.37
N GLY A 146 -9.85 17.91 12.35
CA GLY A 146 -10.36 19.23 12.08
C GLY A 146 -9.31 20.29 11.88
N LEU A 147 -8.10 20.04 12.38
CA LEU A 147 -6.97 20.92 12.12
C LEU A 147 -6.41 20.72 10.73
N GLU A 148 -6.51 19.50 10.20
CA GLU A 148 -6.02 19.22 8.85
C GLU A 148 -6.93 19.79 7.79
N ASP A 149 -8.22 19.95 8.10
CA ASP A 149 -9.10 20.65 7.16
C ASP A 149 -8.68 22.09 6.99
N ILE A 150 -8.19 22.73 8.04
CA ILE A 150 -7.73 24.10 7.94
C ILE A 150 -6.47 24.17 7.08
N MET A 151 -5.51 23.29 7.33
CA MET A 151 -4.24 23.37 6.61
C MET A 151 -4.42 23.06 5.12
N GLU A 152 -5.44 22.30 4.76
CA GLU A 152 -5.64 21.91 3.38
C GLU A 152 -6.55 22.84 2.60
N LYS A 153 -7.17 23.82 3.25
CA LYS A 153 -8.13 24.68 2.55
C LYS A 153 -7.84 26.16 2.74
N SER A 154 -7.36 26.53 3.93
CA SER A 154 -7.30 27.94 4.32
C SER A 154 -6.27 28.70 3.48
N LYS A 155 -6.59 29.94 3.17
CA LYS A 155 -5.67 30.88 2.53
C LYS A 155 -5.39 32.06 3.44
N ASP A 156 -5.65 31.93 4.73
CA ASP A 156 -5.41 32.96 5.72
C ASP A 156 -4.07 32.68 6.39
N TYR A 157 -3.15 33.64 6.30
CA TYR A 157 -1.81 33.45 6.83
C TYR A 157 -1.83 33.23 8.34
N ASN A 158 -2.61 34.04 9.07
CA ASN A 158 -2.60 33.98 10.52
C ASN A 158 -3.28 32.72 11.04
N GLN A 159 -4.31 32.24 10.36
CA GLN A 159 -4.98 31.01 10.77
C GLN A 159 -4.08 29.79 10.59
N ARG A 160 -3.37 29.72 9.46
CA ARG A 160 -2.46 28.61 9.24
C ARG A 160 -1.30 28.61 10.22
N LEU A 161 -0.93 29.77 10.74
CA LEU A 161 0.21 29.85 11.64
C LEU A 161 -0.12 29.37 13.05
N TRP A 162 -1.29 29.71 13.60
CA TRP A 162 -1.58 29.21 14.94
C TRP A 162 -1.96 27.73 14.93
N VAL A 163 -2.39 27.20 13.79
CA VAL A 163 -2.59 25.75 13.68
C VAL A 163 -1.24 25.04 13.57
N TRP A 164 -0.33 25.57 12.75
CA TRP A 164 0.99 24.97 12.60
C TRP A 164 1.77 25.01 13.90
N GLU A 165 1.81 26.17 14.56
CA GLU A 165 2.57 26.30 15.80
C GLU A 165 1.87 25.60 16.96
N GLY A 166 0.54 25.54 16.93
CA GLY A 166 -0.18 24.82 17.97
C GLY A 166 0.10 23.33 17.97
N TRP A 167 0.10 22.70 16.81
CA TRP A 167 0.37 21.27 16.79
C TRP A 167 1.77 20.97 17.35
N ARG A 168 2.77 21.77 16.98
CA ARG A 168 4.11 21.57 17.50
C ARG A 168 4.18 21.85 18.99
N SER A 169 3.48 22.88 19.45
CA SER A 169 3.66 23.35 20.83
C SER A 169 3.03 22.41 21.85
N GLU A 170 1.84 21.88 21.58
CA GLU A 170 1.25 20.93 22.52
C GLU A 170 1.68 19.48 22.29
N VAL A 171 1.48 18.94 21.09
CA VAL A 171 1.82 17.53 20.88
C VAL A 171 3.32 17.33 20.88
N GLY A 172 4.06 18.15 20.13
CA GLY A 172 5.48 17.92 19.95
C GLY A 172 6.32 18.09 21.21
N LYS A 173 5.91 18.95 22.11
CA LYS A 173 6.67 19.18 23.33
C LYS A 173 6.48 18.10 24.38
N GLN A 174 5.46 17.25 24.24
CA GLN A 174 5.29 16.12 25.14
C GLN A 174 6.17 14.95 24.73
N LEU A 175 6.33 14.72 23.44
CA LEU A 175 7.06 13.57 22.94
C LEU A 175 8.58 13.75 23.00
N ARG A 176 9.07 14.94 23.27
CA ARG A 176 10.52 15.14 23.33
C ARG A 176 11.19 14.32 24.43
N PRO A 177 10.74 14.36 25.69
CA PRO A 177 11.34 13.44 26.68
C PRO A 177 11.14 11.96 26.38
N LEU A 178 10.01 11.60 25.77
CA LEU A 178 9.76 10.20 25.46
C LEU A 178 10.63 9.71 24.30
N TYR A 179 10.96 10.59 23.36
CA TYR A 179 11.76 10.21 22.20
C TYR A 179 13.24 10.05 22.54
N GLU A 180 13.73 10.77 23.53
CA GLU A 180 15.13 10.61 23.93
C GLU A 180 15.38 9.25 24.55
N GLU A 181 14.42 8.73 25.32
CA GLU A 181 14.50 7.39 25.88
C GLU A 181 14.28 6.31 24.82
N TYR A 182 13.38 6.57 23.89
CA TYR A 182 13.16 5.69 22.75
C TYR A 182 14.45 5.43 21.97
N VAL A 183 15.25 6.48 21.75
CA VAL A 183 16.46 6.34 20.95
C VAL A 183 17.50 5.50 21.66
N VAL A 184 17.63 5.67 22.98
CA VAL A 184 18.63 4.92 23.73
C VAL A 184 18.25 3.44 23.81
N LEU A 185 16.97 3.15 24.01
CA LEU A 185 16.53 1.75 24.10
C LEU A 185 16.62 1.05 22.75
N LYS A 186 16.32 1.73 21.66
CA LYS A 186 16.34 1.10 20.35
C LYS A 186 17.77 0.83 19.88
N ASN A 187 18.73 1.61 20.35
CA ASN A 187 20.13 1.37 20.01
C ASN A 187 20.70 0.19 20.79
N GLU A 188 20.24 -0.01 22.03
CA GLU A 188 20.64 -1.18 22.80
C GLU A 188 20.12 -2.47 22.16
N MET A 189 18.87 -2.46 21.68
CA MET A 189 18.32 -3.61 21.00
C MET A 189 19.07 -3.90 19.71
N ALA A 190 19.36 -2.88 18.92
CA ALA A 190 20.03 -3.10 17.63
C ALA A 190 21.43 -3.63 17.82
N ARG A 191 22.14 -3.17 18.85
CA ARG A 191 23.48 -3.69 19.13
C ARG A 191 23.44 -5.13 19.62
N GLY A 192 22.37 -5.52 20.31
CA GLY A 192 22.22 -6.90 20.74
C GLY A 192 21.91 -7.87 19.62
N ASN A 193 21.60 -7.35 18.43
CA ASN A 193 21.36 -8.17 17.24
C ASN A 193 22.46 -7.98 16.21
N ASN A 194 23.59 -7.40 16.61
CA ASN A 194 24.80 -7.25 15.79
C ASN A 194 24.62 -6.22 14.68
N TYR A 195 24.01 -5.09 15.00
CA TYR A 195 23.99 -3.92 14.15
C TYR A 195 24.74 -2.80 14.83
N GLU A 196 25.19 -1.83 14.03
CA GLU A 196 25.82 -0.64 14.60
C GLU A 196 24.83 0.14 15.44
N ASP A 197 23.62 0.32 14.94
CA ASP A 197 22.60 1.13 15.58
C ASP A 197 21.26 0.82 14.95
N TYR A 198 20.22 1.52 15.39
CA TYR A 198 18.86 1.26 14.92
C TYR A 198 18.64 1.72 13.48
N GLY A 199 19.46 2.63 12.98
CA GLY A 199 19.37 2.99 11.57
C GLY A 199 19.99 1.93 10.68
N ASP A 200 21.11 1.36 11.10
CA ASP A 200 21.69 0.20 10.44
C ASP A 200 20.73 -0.98 10.42
N TYR A 201 19.95 -1.14 11.48
CA TYR A 201 18.94 -2.19 11.56
C TYR A 201 17.85 -2.00 10.52
N TRP A 202 17.40 -0.76 10.32
CA TRP A 202 16.36 -0.48 9.34
C TRP A 202 16.87 -0.65 7.91
N ARG A 203 18.13 -0.27 7.67
CA ARG A 203 18.68 -0.38 6.33
C ARG A 203 18.93 -1.82 5.90
N GLY A 204 18.80 -2.78 6.82
CA GLY A 204 18.94 -4.19 6.52
C GLY A 204 17.77 -4.76 5.75
N ASP A 205 16.71 -3.98 5.51
CA ASP A 205 15.63 -4.41 4.64
C ASP A 205 16.05 -4.48 3.18
N TYR A 206 17.16 -3.85 2.80
CA TYR A 206 17.64 -3.85 1.43
C TYR A 206 18.89 -4.68 1.25
N GLU A 207 19.47 -5.19 2.32
CA GLU A 207 20.70 -5.96 2.24
C GLU A 207 20.44 -7.34 1.66
N THR A 208 21.30 -7.75 0.73
CA THR A 208 21.21 -9.06 0.10
C THR A 208 22.62 -9.62 -0.11
N GLU A 209 22.70 -10.93 -0.23
CA GLU A 209 23.91 -11.61 -0.65
C GLU A 209 23.75 -12.11 -2.08
N GLY A 210 24.86 -12.19 -2.79
CA GLY A 210 24.83 -12.60 -4.18
C GLY A 210 26.21 -12.93 -4.68
N GLU A 211 26.25 -13.54 -5.86
CA GLU A 211 27.50 -14.08 -6.39
C GLU A 211 28.12 -13.22 -7.48
N ASN A 212 27.32 -12.65 -8.38
CA ASN A 212 27.88 -12.03 -9.58
C ASN A 212 27.46 -10.58 -9.72
N GLY A 213 27.60 -9.81 -8.64
CA GLY A 213 27.12 -8.46 -8.62
C GLY A 213 25.73 -8.30 -8.06
N TYR A 214 25.14 -9.35 -7.52
CA TYR A 214 23.81 -9.30 -6.95
C TYR A 214 23.81 -9.01 -5.47
N ASN A 215 24.97 -8.85 -4.85
CA ASN A 215 25.03 -8.49 -3.45
C ASN A 215 24.77 -7.00 -3.28
N TYR A 216 24.30 -6.64 -2.09
CA TYR A 216 23.96 -5.27 -1.77
C TYR A 216 24.14 -5.09 -0.27
N SER A 217 24.99 -4.14 0.12
CA SER A 217 25.24 -3.92 1.53
C SER A 217 24.34 -2.83 2.09
N ARG A 218 24.39 -2.66 3.41
CA ARG A 218 23.57 -1.66 4.07
C ARG A 218 24.14 -0.25 3.90
N SER A 219 25.45 -0.13 3.73
CA SER A 219 26.04 1.17 3.45
C SER A 219 25.80 1.62 2.01
N GLN A 220 25.51 0.68 1.12
CA GLN A 220 25.19 1.03 -0.26
C GLN A 220 23.90 1.80 -0.39
N LEU A 221 22.98 1.66 0.56
CA LEU A 221 21.69 2.31 0.46
C LEU A 221 21.79 3.81 0.74
N THR A 222 22.65 4.22 1.68
CA THR A 222 22.85 5.64 1.89
C THR A 222 23.54 6.30 0.70
N GLU A 223 24.47 5.60 0.07
CA GLU A 223 25.15 6.15 -1.09
C GLU A 223 24.21 6.29 -2.29
N ASP A 224 23.36 5.29 -2.51
CA ASP A 224 22.46 5.33 -3.66
C ASP A 224 21.37 6.39 -3.48
N VAL A 225 20.84 6.50 -2.27
CA VAL A 225 19.82 7.50 -2.00
C VAL A 225 20.39 8.91 -2.09
N ASP A 226 21.66 9.09 -1.69
CA ASP A 226 22.30 10.38 -1.80
C ASP A 226 22.54 10.78 -3.26
N ARG A 227 22.87 9.81 -4.11
CA ARG A 227 23.18 10.09 -5.50
C ARG A 227 21.93 10.36 -6.33
N ILE A 228 20.84 9.64 -6.07
CA ILE A 228 19.60 9.86 -6.78
C ILE A 228 19.00 11.23 -6.42
N PHE A 229 19.16 11.67 -5.18
CA PHE A 229 18.60 12.95 -4.77
C PHE A 229 19.26 14.11 -5.53
N LEU A 230 20.56 14.03 -5.78
CA LEU A 230 21.24 15.10 -6.51
C LEU A 230 20.88 15.12 -7.99
N GLU A 231 20.30 14.05 -8.51
CA GLU A 231 19.91 13.98 -9.91
C GLU A 231 18.53 14.55 -10.17
N ILE A 232 17.64 14.51 -9.16
CA ILE A 232 16.30 15.05 -9.30
C ILE A 232 16.18 16.48 -8.82
N LYS A 233 17.25 17.04 -8.28
CA LYS A 233 17.22 18.36 -7.66
C LYS A 233 17.09 19.51 -8.66
N PRO A 234 17.71 19.44 -9.86
CA PRO A 234 17.42 20.47 -10.86
C PRO A 234 15.95 20.58 -11.26
N LEU A 235 15.22 19.47 -11.33
CA LEU A 235 13.79 19.54 -11.62
C LEU A 235 13.00 20.06 -10.43
N TYR A 236 13.39 19.64 -9.22
CA TYR A 236 12.72 20.12 -8.02
C TYR A 236 12.93 21.62 -7.82
N GLU A 237 14.10 22.13 -8.21
CA GLU A 237 14.38 23.56 -8.09
C GLU A 237 13.52 24.41 -9.02
N HIS A 238 13.19 23.90 -10.20
CA HIS A 238 12.35 24.67 -11.12
C HIS A 238 10.88 24.65 -10.69
N LEU A 239 10.42 23.56 -10.09
CA LEU A 239 9.08 23.50 -9.53
C LEU A 239 8.96 24.37 -8.28
N HIS A 240 10.03 24.43 -7.48
CA HIS A 240 10.06 25.28 -6.30
C HIS A 240 9.97 26.75 -6.68
N ALA A 241 10.58 27.12 -7.81
CA ALA A 241 10.62 28.52 -8.24
C ALA A 241 9.29 28.97 -8.84
N TYR A 242 8.59 28.07 -9.54
CA TYR A 242 7.29 28.38 -10.10
C TYR A 242 6.22 28.45 -9.01
N VAL A 243 6.30 27.56 -8.03
CA VAL A 243 5.36 27.58 -6.91
C VAL A 243 5.59 28.80 -6.02
N ARG A 244 6.84 29.20 -5.83
CA ARG A 244 7.14 30.36 -5.00
C ARG A 244 6.59 31.64 -5.60
N ALA A 245 6.69 31.80 -6.92
CA ALA A 245 6.18 33.01 -7.55
C ALA A 245 4.66 33.05 -7.57
N LYS A 246 3.99 31.89 -7.56
CA LYS A 246 2.54 31.90 -7.44
C LYS A 246 2.11 32.21 -6.01
N LEU A 247 2.82 31.68 -5.02
CA LEU A 247 2.50 31.96 -3.62
C LEU A 247 2.72 33.41 -3.25
N MET A 248 3.47 34.16 -4.05
CA MET A 248 3.71 35.56 -3.77
C MET A 248 2.53 36.45 -4.14
N ASP A 249 1.57 35.95 -4.91
CA ASP A 249 0.35 36.69 -5.17
C ASP A 249 -0.74 36.40 -4.15
N THR A 250 -0.76 35.21 -3.58
CA THR A 250 -1.71 34.88 -2.53
C THR A 250 -1.34 35.55 -1.22
N TYR A 251 -0.04 35.66 -0.94
CA TYR A 251 0.47 36.15 0.32
C TYR A 251 1.45 37.27 0.03
N PRO A 252 0.95 38.47 -0.30
CA PRO A 252 1.85 39.58 -0.61
C PRO A 252 2.63 40.04 0.62
N SER A 253 3.92 40.30 0.39
CA SER A 253 4.88 40.75 1.40
C SER A 253 5.17 39.72 2.48
N ARG A 254 4.75 38.47 2.30
CA ARG A 254 5.09 37.42 3.25
C ARG A 254 6.17 36.48 2.74
N ILE A 255 6.59 36.64 1.48
CA ILE A 255 7.50 35.70 0.84
C ILE A 255 8.58 36.49 0.12
N SER A 256 9.83 36.12 0.33
CA SER A 256 10.99 36.63 -0.39
C SER A 256 11.10 35.96 -1.76
N PRO A 257 11.39 36.71 -2.81
CA PRO A 257 11.58 36.09 -4.14
C PRO A 257 12.84 35.25 -4.28
N THR A 258 13.77 35.32 -3.34
CA THR A 258 15.00 34.56 -3.42
C THR A 258 15.13 33.51 -2.32
N GLY A 259 14.28 33.55 -1.30
CA GLY A 259 14.42 32.70 -0.14
C GLY A 259 13.54 31.46 -0.15
N CYS A 260 13.51 30.80 1.00
CA CYS A 260 12.76 29.57 1.23
C CYS A 260 11.27 29.85 1.37
N LEU A 261 10.50 28.80 1.34
CA LEU A 261 9.05 28.88 1.48
C LEU A 261 8.66 28.70 2.94
N PRO A 262 7.84 29.58 3.51
CA PRO A 262 7.40 29.38 4.90
C PRO A 262 6.64 28.07 5.08
N ALA A 263 6.97 27.37 6.16
CA ALA A 263 6.56 25.98 6.32
C ALA A 263 5.07 25.81 6.57
N HIS A 264 4.37 26.85 7.00
CA HIS A 264 2.95 26.73 7.31
C HIS A 264 2.06 27.03 6.12
N LEU A 265 2.61 27.26 4.93
CA LEU A 265 1.82 27.64 3.76
C LEU A 265 1.87 26.62 2.63
N LEU A 266 2.15 25.36 2.92
CA LEU A 266 2.43 24.37 1.88
C LEU A 266 1.27 23.43 1.60
N GLY A 267 0.11 23.64 2.21
CA GLY A 267 -1.07 22.88 1.88
C GLY A 267 -1.38 21.68 2.75
N ASP A 268 -0.56 21.40 3.76
CA ASP A 268 -0.88 20.40 4.77
C ASP A 268 -0.02 20.69 5.99
N MET A 269 -0.15 19.83 7.00
CA MET A 269 0.43 20.16 8.30
C MET A 269 1.94 20.03 8.31
N TRP A 270 2.50 19.16 7.48
CA TRP A 270 3.93 18.91 7.51
C TRP A 270 4.66 19.32 6.24
N GLY A 271 3.94 19.62 5.16
CA GLY A 271 4.60 19.84 3.89
C GLY A 271 5.05 18.58 3.21
N ARG A 272 4.47 17.43 3.57
CA ARG A 272 4.81 16.18 2.91
C ARG A 272 4.42 16.19 1.44
N PHE A 273 3.16 16.53 1.15
CA PHE A 273 2.67 16.65 -0.21
C PHE A 273 2.29 18.09 -0.49
N TRP A 274 2.44 18.50 -1.76
CA TRP A 274 2.08 19.84 -2.21
C TRP A 274 0.78 19.86 -3.00
N THR A 275 0.01 18.78 -2.97
CA THR A 275 -1.10 18.60 -3.90
C THR A 275 -2.19 19.65 -3.71
N ASN A 276 -2.40 20.10 -2.49
CA ASN A 276 -3.45 21.06 -2.20
C ASN A 276 -3.09 22.47 -2.62
N LEU A 277 -1.95 22.66 -3.28
CA LEU A 277 -1.56 23.94 -3.86
C LEU A 277 -1.94 24.05 -5.33
N TYR A 278 -2.70 23.09 -5.85
CA TYR A 278 -2.99 23.05 -7.28
C TYR A 278 -3.87 24.21 -7.71
N ASN A 279 -4.86 24.59 -6.89
CA ASN A 279 -5.74 25.70 -7.27
C ASN A 279 -4.98 27.01 -7.38
N LEU A 280 -3.87 27.16 -6.65
CA LEU A 280 -3.08 28.38 -6.72
C LEU A 280 -2.06 28.37 -7.84
N THR A 281 -1.65 27.19 -8.34
CA THR A 281 -0.54 27.10 -9.26
C THR A 281 -0.91 26.57 -10.64
N VAL A 282 -2.18 26.23 -10.84
CA VAL A 282 -2.65 25.61 -12.12
C VAL A 282 -2.15 26.42 -13.33
N PRO A 283 -1.40 25.80 -14.28
CA PRO A 283 -0.81 26.52 -15.46
C PRO A 283 -1.89 27.16 -16.31
N PHE A 284 -2.98 26.45 -16.60
CA PHE A 284 -4.08 26.98 -17.45
C PHE A 284 -5.41 26.71 -16.75
N GLU A 285 -5.88 27.66 -15.95
CA GLU A 285 -7.12 27.47 -15.15
C GLU A 285 -8.37 27.29 -16.04
N GLN A 286 -8.40 27.93 -17.21
CA GLN A 286 -9.61 27.86 -18.09
C GLN A 286 -9.86 26.40 -18.50
N LYS A 287 -8.81 25.68 -18.89
CA LYS A 287 -8.93 24.27 -19.32
C LYS A 287 -9.12 23.37 -18.09
N PRO A 288 -10.20 22.57 -18.01
CA PRO A 288 -10.47 21.67 -16.85
C PRO A 288 -9.71 20.36 -16.99
N ASN A 289 -9.73 19.52 -15.95
CA ASN A 289 -8.95 18.25 -15.98
C ASN A 289 -9.89 17.07 -16.24
N ILE A 290 -9.38 15.98 -16.80
CA ILE A 290 -10.26 14.83 -17.16
C ILE A 290 -10.91 14.24 -15.91
N ASP A 291 -12.24 14.21 -15.86
CA ASP A 291 -12.97 13.64 -14.77
C ASP A 291 -14.12 12.89 -15.37
N VAL A 292 -14.27 11.61 -15.11
CA VAL A 292 -15.34 10.88 -15.75
C VAL A 292 -16.41 10.43 -14.81
N THR A 293 -16.54 11.07 -13.66
CA THR A 293 -17.54 10.63 -12.69
C THR A 293 -18.95 10.75 -13.24
N ASP A 294 -19.24 11.82 -13.97
CA ASP A 294 -20.57 12.00 -14.52
C ASP A 294 -20.89 11.01 -15.63
N ALA A 295 -19.87 10.46 -16.30
CA ALA A 295 -20.13 9.46 -17.33
C ALA A 295 -20.48 8.11 -16.72
N MET A 296 -19.88 7.78 -15.57
CA MET A 296 -20.22 6.54 -14.90
C MET A 296 -21.64 6.57 -14.35
N LYS A 297 -22.08 7.74 -13.87
CA LYS A 297 -23.45 7.86 -13.38
C LYS A 297 -24.48 7.91 -14.52
N GLU A 298 -24.13 8.50 -15.66
CA GLU A 298 -25.06 8.49 -16.78
C GLU A 298 -25.25 7.11 -17.38
N GLN A 299 -24.30 6.19 -17.15
CA GLN A 299 -24.46 4.81 -17.59
C GLN A 299 -24.84 3.86 -16.45
N SER A 300 -25.09 4.40 -15.26
CA SER A 300 -25.60 3.65 -14.12
C SER A 300 -24.65 2.52 -13.73
N TRP A 301 -23.43 2.89 -13.38
CA TRP A 301 -22.47 1.93 -12.85
C TRP A 301 -22.70 1.73 -11.37
N ASP A 302 -22.65 0.48 -10.93
CA ASP A 302 -22.62 0.17 -9.51
C ASP A 302 -21.17 -0.12 -9.11
N ALA A 303 -20.99 -0.48 -7.85
CA ALA A 303 -19.65 -0.79 -7.37
C ALA A 303 -19.15 -2.14 -7.86
N GLU A 304 -20.07 -3.07 -8.15
CA GLU A 304 -19.65 -4.34 -8.73
C GLU A 304 -19.02 -4.14 -10.10
N LYS A 305 -19.63 -3.30 -10.94
CA LYS A 305 -19.10 -3.11 -12.29
C LYS A 305 -17.74 -2.43 -12.28
N ILE A 306 -17.42 -1.66 -11.24
CA ILE A 306 -16.10 -1.06 -11.14
C ILE A 306 -15.04 -2.14 -11.01
N PHE A 307 -15.31 -3.16 -10.20
CA PHE A 307 -14.36 -4.25 -10.01
C PHE A 307 -14.40 -5.26 -11.14
N LYS A 308 -15.48 -5.29 -11.92
CA LYS A 308 -15.50 -6.15 -13.11
C LYS A 308 -14.69 -5.53 -14.24
N GLU A 309 -14.54 -4.21 -14.26
CA GLU A 309 -13.70 -3.56 -15.24
C GLU A 309 -12.22 -3.70 -14.91
N ALA A 310 -11.88 -3.72 -13.63
CA ALA A 310 -10.49 -3.94 -13.23
C ALA A 310 -10.05 -5.36 -13.57
N GLU A 311 -10.94 -6.33 -13.42
CA GLU A 311 -10.61 -7.71 -13.75
C GLU A 311 -10.40 -7.89 -15.25
N LYS A 312 -11.19 -7.19 -16.07
CA LYS A 312 -10.98 -7.24 -17.51
C LYS A 312 -9.66 -6.63 -17.91
N PHE A 313 -9.20 -5.60 -17.19
CA PHE A 313 -7.91 -5.00 -17.49
C PHE A 313 -6.77 -5.99 -17.26
N TYR A 314 -6.80 -6.72 -16.14
CA TYR A 314 -5.70 -7.62 -15.83
C TYR A 314 -5.69 -8.84 -16.72
N MET A 315 -6.87 -9.24 -17.20
CA MET A 315 -6.98 -10.38 -18.10
C MET A 315 -6.52 -9.99 -19.51
N SER A 316 -6.54 -8.70 -19.82
CA SER A 316 -6.12 -8.24 -21.13
C SER A 316 -4.61 -8.24 -21.30
N VAL A 317 -3.86 -8.22 -20.20
CA VAL A 317 -2.41 -8.32 -20.26
C VAL A 317 -1.90 -9.72 -19.94
N GLY A 318 -2.79 -10.68 -19.71
CA GLY A 318 -2.40 -12.04 -19.49
C GLY A 318 -2.36 -12.53 -18.05
N LEU A 319 -3.01 -11.87 -17.18
CA LEU A 319 -3.00 -12.26 -15.78
C LEU A 319 -4.29 -13.00 -15.44
N PRO A 320 -4.27 -13.86 -14.42
CA PRO A 320 -5.46 -14.66 -14.10
C PRO A 320 -6.63 -13.82 -13.66
N SER A 321 -7.79 -14.48 -13.59
CA SER A 321 -9.01 -13.85 -13.10
C SER A 321 -9.06 -13.94 -11.58
N MET A 322 -10.17 -13.49 -11.02
CA MET A 322 -10.40 -13.66 -9.59
C MET A 322 -11.02 -15.02 -9.31
N THR A 323 -10.72 -15.55 -8.14
CA THR A 323 -11.33 -16.78 -7.70
C THR A 323 -12.81 -16.58 -7.46
N PRO A 324 -13.61 -17.65 -7.52
CA PRO A 324 -15.04 -17.51 -7.18
C PRO A 324 -15.26 -16.90 -5.80
N GLY A 325 -14.44 -17.27 -4.81
CA GLY A 325 -14.64 -16.78 -3.46
C GLY A 325 -14.30 -15.32 -3.28
N PHE A 326 -13.61 -14.70 -4.23
CA PHE A 326 -13.34 -13.27 -4.15
C PHE A 326 -14.63 -12.47 -4.15
N TRP A 327 -15.57 -12.83 -5.03
CA TRP A 327 -16.79 -12.06 -5.16
C TRP A 327 -17.75 -12.30 -4.01
N ASN A 328 -17.79 -13.52 -3.48
CA ASN A 328 -18.71 -13.83 -2.39
C ASN A 328 -18.21 -13.30 -1.05
N ASN A 329 -16.90 -13.15 -0.87
CA ASN A 329 -16.32 -12.90 0.43
C ASN A 329 -15.81 -11.48 0.62
N SER A 330 -15.67 -10.69 -0.44
CA SER A 330 -15.16 -9.35 -0.30
C SER A 330 -16.25 -8.42 0.25
N MET A 331 -15.82 -7.25 0.71
CA MET A 331 -16.71 -6.18 1.14
C MET A 331 -16.46 -5.00 0.22
N LEU A 332 -17.16 -4.98 -0.91
CA LEU A 332 -16.91 -3.98 -1.95
C LEU A 332 -17.76 -2.73 -1.79
N THR A 333 -18.81 -2.77 -0.98
CA THR A 333 -19.60 -1.60 -0.66
C THR A 333 -19.71 -1.47 0.86
N GLU A 334 -20.06 -0.28 1.30
CA GLU A 334 -20.33 -0.06 2.72
C GLU A 334 -21.62 -0.78 3.10
N PRO A 335 -21.60 -1.62 4.13
CA PRO A 335 -22.80 -2.41 4.44
C PRO A 335 -23.93 -1.54 4.97
N GLY A 336 -25.15 -2.03 4.78
CA GLY A 336 -26.32 -1.34 5.26
C GLY A 336 -27.15 -2.18 6.21
N ASP A 337 -26.54 -3.20 6.80
CA ASP A 337 -27.19 -4.08 7.75
C ASP A 337 -26.96 -3.66 9.19
N GLY A 338 -26.32 -2.52 9.41
CA GLY A 338 -26.03 -2.06 10.75
C GLY A 338 -24.64 -2.39 11.26
N ARG A 339 -23.76 -2.92 10.41
CA ARG A 339 -22.41 -3.24 10.81
C ARG A 339 -21.53 -2.01 10.84
N LYS A 340 -20.64 -1.95 11.82
CA LYS A 340 -19.73 -0.82 12.00
C LYS A 340 -18.37 -1.19 11.40
N VAL A 341 -17.89 -0.36 10.48
CA VAL A 341 -16.58 -0.55 9.86
C VAL A 341 -15.87 0.80 9.77
N VAL A 342 -14.56 0.75 9.60
CA VAL A 342 -13.75 1.93 9.29
C VAL A 342 -13.34 1.81 7.83
N CYS A 343 -13.78 2.74 7.01
CA CYS A 343 -13.57 2.66 5.57
C CYS A 343 -12.14 3.08 5.24
N HIS A 344 -11.34 2.11 4.80
CA HIS A 344 -10.00 2.33 4.29
C HIS A 344 -9.66 1.16 3.37
N PRO A 345 -9.33 1.41 2.11
CA PRO A 345 -9.19 0.30 1.15
C PRO A 345 -7.96 -0.55 1.46
N THR A 346 -8.17 -1.86 1.50
CA THR A 346 -7.10 -2.81 1.82
C THR A 346 -7.32 -4.08 1.03
N ALA A 347 -6.23 -4.72 0.64
CA ALA A 347 -6.26 -6.04 0.03
C ALA A 347 -5.75 -7.06 1.04
N TRP A 348 -6.40 -8.22 1.10
CA TRP A 348 -6.13 -9.22 2.12
C TRP A 348 -5.73 -10.52 1.46
N ASP A 349 -4.67 -11.13 1.96
CA ASP A 349 -4.18 -12.44 1.53
C ASP A 349 -4.26 -13.34 2.77
N LEU A 350 -5.39 -14.03 2.92
CA LEU A 350 -5.61 -14.87 4.09
C LEU A 350 -4.88 -16.20 4.01
N GLY A 351 -4.38 -16.57 2.83
CA GLY A 351 -3.80 -17.88 2.63
C GLY A 351 -4.83 -18.91 2.22
N LYS A 352 -4.34 -20.08 1.83
CA LYS A 352 -5.18 -21.19 1.38
C LYS A 352 -6.04 -20.81 0.18
N ASN A 353 -5.49 -19.96 -0.70
CA ASN A 353 -6.16 -19.50 -1.92
C ASN A 353 -7.33 -18.58 -1.62
N ASP A 354 -7.16 -17.69 -0.65
CA ASP A 354 -8.24 -16.83 -0.15
C ASP A 354 -7.78 -15.38 -0.22
N PHE A 355 -8.38 -14.62 -1.13
CA PHE A 355 -8.02 -13.22 -1.35
C PHE A 355 -9.27 -12.38 -1.25
N ARG A 356 -9.22 -11.30 -0.48
CA ARG A 356 -10.36 -10.43 -0.27
C ARG A 356 -9.94 -8.97 -0.36
N ILE A 357 -10.87 -8.13 -0.79
CA ILE A 357 -10.69 -6.69 -0.79
C ILE A 357 -11.75 -6.08 0.12
N LYS A 358 -11.34 -5.16 0.99
CA LYS A 358 -12.23 -4.40 1.85
C LYS A 358 -12.24 -2.96 1.36
N MET A 359 -13.36 -2.50 0.83
CA MET A 359 -13.43 -1.17 0.25
C MET A 359 -14.85 -0.65 0.31
N CYS A 360 -14.99 0.65 0.57
CA CYS A 360 -16.26 1.34 0.51
C CYS A 360 -16.26 2.15 -0.78
N THR A 361 -16.96 1.65 -1.80
CA THR A 361 -16.82 2.16 -3.16
C THR A 361 -18.00 3.05 -3.52
N LYS A 362 -17.69 4.28 -3.91
CA LYS A 362 -18.63 5.18 -4.56
C LYS A 362 -18.37 5.16 -6.06
N VAL A 363 -19.36 5.62 -6.82
CA VAL A 363 -19.23 5.65 -8.28
C VAL A 363 -18.59 6.99 -8.62
N THR A 364 -17.26 7.03 -8.47
CA THR A 364 -16.44 8.20 -8.77
C THR A 364 -15.21 7.74 -9.53
N MET A 365 -14.45 8.70 -10.04
CA MET A 365 -13.22 8.34 -10.75
C MET A 365 -12.11 7.94 -9.78
N ASP A 366 -12.08 8.53 -8.59
CA ASP A 366 -11.04 8.18 -7.62
C ASP A 366 -11.20 6.75 -7.12
N ASP A 367 -12.44 6.28 -6.94
CA ASP A 367 -12.65 4.91 -6.52
C ASP A 367 -12.40 3.92 -7.66
N PHE A 368 -12.59 4.37 -8.90
CA PHE A 368 -12.26 3.55 -10.07
C PHE A 368 -10.76 3.29 -10.15
N LEU A 369 -9.94 4.28 -9.82
CA LEU A 369 -8.49 4.09 -9.83
C LEU A 369 -8.00 3.33 -8.60
N THR A 370 -8.66 3.50 -7.45
CA THR A 370 -8.29 2.76 -6.26
C THR A 370 -8.53 1.26 -6.45
N ALA A 371 -9.59 0.89 -7.16
CA ALA A 371 -9.89 -0.51 -7.38
C ALA A 371 -8.79 -1.21 -8.19
N HIS A 372 -8.24 -0.49 -9.17
CA HIS A 372 -7.14 -1.07 -10.00
C HIS A 372 -5.89 -1.22 -9.13
N HIS A 373 -5.65 -0.26 -8.23
CA HIS A 373 -4.45 -0.32 -7.36
C HIS A 373 -4.54 -1.52 -6.42
N GLU A 374 -5.68 -1.69 -5.76
CA GLU A 374 -5.84 -2.79 -4.77
C GLU A 374 -5.77 -4.14 -5.48
N MET A 375 -6.38 -4.25 -6.67
CA MET A 375 -6.41 -5.54 -7.40
C MET A 375 -4.99 -5.87 -7.86
N GLY A 376 -4.11 -4.87 -7.95
CA GLY A 376 -2.70 -5.12 -8.31
C GLY A 376 -1.99 -5.83 -7.18
N HIS A 377 -2.31 -5.48 -5.93
CA HIS A 377 -1.71 -6.16 -4.76
C HIS A 377 -2.17 -7.61 -4.74
N ILE A 378 -3.45 -7.87 -5.01
CA ILE A 378 -3.98 -9.26 -5.06
C ILE A 378 -3.23 -10.06 -6.13
N GLN A 379 -2.95 -9.48 -7.29
CA GLN A 379 -2.27 -10.18 -8.40
C GLN A 379 -0.85 -10.59 -7.99
N TYR A 380 -0.14 -9.75 -7.24
CA TYR A 380 1.22 -10.07 -6.74
C TYR A 380 1.15 -11.24 -5.76
N ASP A 381 0.22 -11.17 -4.81
CA ASP A 381 0.06 -12.24 -3.79
C ASP A 381 -0.25 -13.58 -4.44
N MET A 382 -1.12 -13.59 -5.45
CA MET A 382 -1.50 -14.84 -6.16
C MET A 382 -0.29 -15.39 -6.92
N ALA A 383 0.68 -14.53 -7.28
CA ALA A 383 1.82 -14.98 -8.05
C ALA A 383 2.85 -15.73 -7.20
N TYR A 384 3.16 -15.24 -6.00
CA TYR A 384 4.12 -15.93 -5.15
C TYR A 384 3.47 -16.85 -4.13
N ALA A 385 2.26 -17.33 -4.39
CA ALA A 385 1.60 -18.21 -3.43
C ALA A 385 2.19 -19.61 -3.41
N THR A 386 3.09 -19.95 -4.32
CA THR A 386 3.76 -21.25 -4.33
C THR A 386 5.12 -21.22 -3.65
N GLN A 387 5.54 -20.08 -3.14
CA GLN A 387 6.76 -19.99 -2.36
C GLN A 387 6.54 -20.59 -0.98
N PRO A 388 7.63 -20.95 -0.28
CA PRO A 388 7.50 -21.27 1.15
C PRO A 388 6.88 -20.11 1.90
N TYR A 389 6.22 -20.44 3.02
CA TYR A 389 5.39 -19.47 3.74
C TYR A 389 6.16 -18.20 4.07
N LEU A 390 7.43 -18.32 4.48
CA LEU A 390 8.18 -17.18 4.96
C LEU A 390 8.73 -16.32 3.83
N LEU A 391 8.78 -16.82 2.60
CA LEU A 391 9.27 -16.09 1.45
C LEU A 391 8.16 -15.46 0.63
N ARG A 392 6.94 -15.47 1.14
CA ARG A 392 5.76 -14.96 0.44
C ARG A 392 5.62 -13.46 0.70
N ASN A 393 6.45 -12.69 0.00
CA ASN A 393 6.49 -11.24 0.17
C ASN A 393 7.01 -10.60 -1.10
N GLY A 394 6.91 -9.29 -1.16
CA GLY A 394 7.60 -8.56 -2.21
C GLY A 394 9.10 -8.64 -2.06
N ALA A 395 9.80 -8.36 -3.17
CA ALA A 395 11.25 -8.48 -3.18
C ALA A 395 11.92 -7.59 -2.13
N ASN A 396 11.49 -6.34 -2.03
CA ASN A 396 11.80 -5.52 -0.86
C ASN A 396 10.54 -4.74 -0.50
N GLU A 397 10.66 -3.82 0.46
CA GLU A 397 9.47 -3.10 0.98
C GLU A 397 8.90 -2.10 -0.04
N GLY A 398 9.57 -1.88 -1.18
CA GLY A 398 9.10 -0.87 -2.13
C GLY A 398 8.45 -1.49 -3.36
N PHE A 399 8.67 -2.78 -3.60
CA PHE A 399 8.16 -3.43 -4.85
C PHE A 399 6.64 -3.54 -4.83
N HIS A 400 6.05 -3.88 -3.68
CA HIS A 400 4.58 -4.11 -3.64
C HIS A 400 3.82 -2.88 -4.10
N GLU A 401 4.04 -1.75 -3.43
CA GLU A 401 3.27 -0.52 -3.75
C GLU A 401 3.61 -0.05 -5.17
N ALA A 402 4.88 -0.19 -5.58
CA ALA A 402 5.30 0.23 -6.93
C ALA A 402 4.46 -0.48 -7.98
N VAL A 403 4.27 -1.79 -7.83
CA VAL A 403 3.50 -2.58 -8.83
C VAL A 403 2.08 -2.00 -8.92
N GLY A 404 1.46 -1.72 -7.77
CA GLY A 404 0.09 -1.17 -7.77
C GLY A 404 0.03 0.16 -8.49
N GLU A 405 1.04 1.02 -8.28
CA GLU A 405 1.04 2.37 -8.91
C GLU A 405 1.16 2.25 -10.44
N VAL A 406 2.04 1.37 -10.91
CA VAL A 406 2.27 1.22 -12.38
C VAL A 406 0.93 0.92 -13.06
N MET A 407 0.12 0.04 -12.48
CA MET A 407 -1.15 -0.33 -13.09
C MET A 407 -2.13 0.83 -13.11
N SER A 408 -2.06 1.72 -12.13
CA SER A 408 -2.96 2.88 -12.08
C SER A 408 -2.56 3.96 -13.06
N LEU A 409 -1.28 4.05 -13.42
CA LEU A 409 -0.86 5.02 -14.44
C LEU A 409 -1.50 4.76 -15.79
N SER A 410 -1.57 3.49 -16.18
CA SER A 410 -2.07 3.14 -17.50
C SER A 410 -3.57 3.34 -17.63
N VAL A 411 -4.32 3.09 -16.56
CA VAL A 411 -5.78 3.11 -16.64
C VAL A 411 -6.33 4.52 -16.46
N ALA A 412 -5.52 5.47 -16.03
CA ALA A 412 -5.94 6.85 -15.89
C ALA A 412 -5.69 7.67 -17.14
N THR A 413 -5.22 7.05 -18.21
CA THR A 413 -4.91 7.78 -19.42
C THR A 413 -6.16 8.03 -20.25
N PRO A 414 -6.25 9.17 -20.93
CA PRO A 414 -7.39 9.41 -21.83
C PRO A 414 -7.50 8.36 -22.93
N LYS A 415 -6.38 7.79 -23.35
CA LYS A 415 -6.41 6.71 -24.32
C LYS A 415 -7.17 5.50 -23.78
N HIS A 416 -6.94 5.14 -22.52
CA HIS A 416 -7.65 4.02 -21.92
C HIS A 416 -9.11 4.34 -21.67
N LEU A 417 -9.39 5.55 -21.17
CA LEU A 417 -10.76 5.92 -20.87
C LEU A 417 -11.60 6.09 -22.12
N LYS A 418 -10.99 6.52 -23.22
CA LYS A 418 -11.70 6.62 -24.49
C LYS A 418 -12.11 5.24 -24.99
N GLY A 419 -11.24 4.24 -24.82
CA GLY A 419 -11.57 2.89 -25.23
C GLY A 419 -12.65 2.22 -24.41
N MET A 420 -12.94 2.76 -23.22
CA MET A 420 -13.96 2.20 -22.35
C MET A 420 -15.33 2.81 -22.57
N GLY A 421 -15.45 3.81 -23.44
CA GLY A 421 -16.70 4.51 -23.63
C GLY A 421 -16.98 5.60 -22.61
N LEU A 422 -16.07 5.83 -21.67
CA LEU A 422 -16.27 6.85 -20.65
C LEU A 422 -15.87 8.25 -21.13
N LEU A 423 -15.22 8.35 -22.29
CA LEU A 423 -14.93 9.63 -22.89
C LEU A 423 -15.56 9.70 -24.26
N PRO A 424 -15.98 10.89 -24.71
CA PRO A 424 -16.65 11.00 -26.01
C PRO A 424 -15.77 10.47 -27.14
N SER A 425 -16.42 9.87 -28.13
CA SER A 425 -15.70 9.23 -29.22
C SER A 425 -14.90 10.23 -30.05
N ASP A 426 -15.23 11.51 -29.99
CA ASP A 426 -14.48 12.54 -30.69
C ASP A 426 -13.49 13.27 -29.80
N PHE A 427 -13.23 12.74 -28.60
CA PHE A 427 -12.38 13.43 -27.64
C PHE A 427 -11.00 13.66 -28.21
N SER A 428 -10.55 14.91 -28.16
CA SER A 428 -9.21 15.28 -28.55
C SER A 428 -8.47 15.85 -27.36
N GLU A 429 -7.16 15.67 -27.33
CA GLU A 429 -6.32 16.08 -26.22
C GLU A 429 -5.43 17.23 -26.67
N ASP A 430 -5.45 18.34 -25.94
CA ASP A 430 -4.62 19.48 -26.24
C ASP A 430 -3.46 19.56 -25.25
N ASN A 431 -2.36 20.15 -25.71
CA ASN A 431 -1.13 20.15 -24.93
C ASN A 431 -1.24 20.97 -23.64
N GLU A 432 -2.23 21.85 -23.53
CA GLU A 432 -2.43 22.60 -22.30
C GLU A 432 -3.09 21.76 -21.22
N THR A 433 -3.87 20.76 -21.61
CA THR A 433 -4.42 19.84 -20.63
C THR A 433 -3.37 18.85 -20.15
N GLU A 434 -2.36 18.56 -20.97
CA GLU A 434 -1.26 17.70 -20.54
C GLU A 434 -0.34 18.39 -19.54
N ILE A 435 -0.11 19.68 -19.72
CA ILE A 435 0.69 20.43 -18.75
C ILE A 435 -0.05 20.53 -17.42
N ASN A 436 -1.38 20.69 -17.48
CA ASN A 436 -2.19 20.65 -16.27
C ASN A 436 -2.09 19.30 -15.59
N PHE A 437 -2.07 18.23 -16.38
CA PHE A 437 -2.00 16.89 -15.80
C PHE A 437 -0.64 16.62 -15.17
N LEU A 438 0.43 17.05 -15.82
CA LEU A 438 1.78 16.74 -15.33
C LEU A 438 2.17 17.59 -14.13
N LEU A 439 1.65 18.81 -14.01
CA LEU A 439 1.91 19.61 -12.82
C LEU A 439 1.26 19.01 -11.59
N LYS A 440 0.01 18.56 -11.73
CA LYS A 440 -0.68 17.93 -10.61
C LYS A 440 0.00 16.63 -10.20
N GLN A 441 0.65 15.94 -11.14
CA GLN A 441 1.42 14.75 -10.81
C GLN A 441 2.69 15.09 -10.05
N ALA A 442 3.33 16.21 -10.38
CA ALA A 442 4.58 16.59 -9.75
C ALA A 442 4.37 17.16 -8.35
N LEU A 443 3.25 17.81 -8.10
CA LEU A 443 2.95 18.28 -6.75
C LEU A 443 2.88 17.14 -5.75
N ASN A 444 2.57 15.93 -6.23
CA ASN A 444 2.58 14.74 -5.39
C ASN A 444 3.93 14.03 -5.43
N ILE A 445 4.42 13.71 -6.62
CA ILE A 445 5.55 12.80 -6.76
C ILE A 445 6.88 13.51 -6.56
N VAL A 446 7.05 14.68 -7.18
CA VAL A 446 8.31 15.40 -7.06
C VAL A 446 8.35 16.23 -5.78
N GLY A 447 7.20 16.74 -5.33
CA GLY A 447 7.19 17.57 -4.14
C GLY A 447 7.59 16.82 -2.88
N THR A 448 7.28 15.54 -2.79
CA THR A 448 7.51 14.79 -1.57
C THR A 448 8.87 14.10 -1.53
N LEU A 449 9.65 14.11 -2.61
CA LEU A 449 10.92 13.39 -2.59
C LEU A 449 11.96 14.08 -1.71
N PRO A 450 12.18 15.40 -1.80
CA PRO A 450 13.08 16.04 -0.83
C PRO A 450 12.60 15.93 0.60
N PHE A 451 11.29 15.93 0.83
CA PHE A 451 10.77 15.78 2.18
C PHE A 451 11.14 14.43 2.78
N THR A 452 10.92 13.36 2.02
CA THR A 452 11.20 11.99 2.51
C THR A 452 12.67 11.82 2.78
N TYR A 453 13.53 12.22 1.85
CA TYR A 453 14.99 12.03 1.99
C TYR A 453 15.52 12.71 3.24
N MET A 454 15.15 13.97 3.50
CA MET A 454 15.69 14.74 4.64
C MET A 454 15.32 14.08 5.98
N LEU A 455 14.07 13.61 6.13
CA LEU A 455 13.62 12.99 7.39
C LEU A 455 14.40 11.69 7.70
N GLU A 456 14.61 10.82 6.71
CA GLU A 456 15.42 9.59 6.92
C GLU A 456 16.88 9.97 7.22
N LYS A 457 17.42 10.96 6.50
CA LYS A 457 18.80 11.41 6.74
C LYS A 457 18.93 11.88 8.20
N TRP A 458 17.90 12.58 8.69
CA TRP A 458 17.94 13.09 10.07
C TRP A 458 17.88 11.91 11.05
N ARG A 459 16.90 11.02 10.88
CA ARG A 459 16.75 9.91 11.81
C ARG A 459 18.00 9.05 11.83
N TRP A 460 18.60 8.79 10.68
CA TRP A 460 19.80 7.98 10.63
C TRP A 460 20.95 8.63 11.38
N MET A 461 21.06 9.96 11.31
CA MET A 461 22.13 10.65 12.02
C MET A 461 21.87 10.71 13.53
N VAL A 462 20.60 10.70 13.93
CA VAL A 462 20.28 10.69 15.35
C VAL A 462 20.62 9.34 15.97
N PHE A 463 20.34 8.24 15.27
CA PHE A 463 20.66 6.92 15.79
C PHE A 463 22.16 6.65 15.80
N LYS A 464 22.91 7.20 14.85
CA LYS A 464 24.37 7.09 14.89
C LYS A 464 24.96 7.83 16.08
N GLY A 465 24.42 8.99 16.40
CA GLY A 465 25.07 9.90 17.30
C GLY A 465 25.79 11.04 16.63
N GLU A 466 25.70 11.17 15.30
CA GLU A 466 26.30 12.30 14.61
C GLU A 466 25.66 13.61 14.99
N ILE A 467 24.41 13.57 15.44
CA ILE A 467 23.72 14.71 16.03
C ILE A 467 23.53 14.41 17.51
N PRO A 468 24.15 15.15 18.42
CA PRO A 468 23.82 15.02 19.84
C PRO A 468 22.43 15.57 20.12
N LYS A 469 21.87 15.17 21.26
CA LYS A 469 20.51 15.58 21.56
C LYS A 469 20.41 17.05 21.94
N GLU A 470 21.54 17.73 22.15
CA GLU A 470 21.53 19.16 22.39
C GLU A 470 21.38 19.97 21.12
N GLN A 471 21.43 19.33 19.95
CA GLN A 471 21.33 20.00 18.67
C GLN A 471 20.33 19.32 17.75
N TRP A 472 19.29 18.71 18.32
CA TRP A 472 18.32 18.00 17.48
C TRP A 472 17.52 18.96 16.60
N MET A 473 16.91 19.98 17.21
CA MET A 473 16.12 20.95 16.46
C MET A 473 16.97 21.95 15.69
N LYS A 474 18.21 22.15 16.11
CA LYS A 474 19.10 23.00 15.34
C LYS A 474 19.39 22.39 13.97
N LYS A 475 19.70 21.09 13.95
CA LYS A 475 20.00 20.40 12.70
C LYS A 475 18.76 20.16 11.86
N TRP A 476 17.61 20.00 12.50
CA TRP A 476 16.38 19.74 11.76
C TRP A 476 16.02 20.89 10.84
N TRP A 477 16.17 22.13 11.31
CA TRP A 477 15.82 23.29 10.51
C TRP A 477 16.95 23.76 9.61
N GLU A 478 18.20 23.39 9.90
CA GLU A 478 19.27 23.61 8.95
C GLU A 478 19.11 22.74 7.71
N MET A 479 18.67 21.49 7.91
CA MET A 479 18.44 20.58 6.81
C MET A 479 17.21 20.95 6.00
N LYS A 480 16.16 21.43 6.68
CA LYS A 480 14.97 21.89 5.97
C LYS A 480 15.29 23.04 5.05
N ARG A 481 16.14 23.96 5.50
CA ARG A 481 16.45 25.14 4.72
C ARG A 481 17.30 24.81 3.49
N GLU A 482 18.18 23.83 3.58
CA GLU A 482 19.15 23.60 2.52
C GLU A 482 18.81 22.45 1.59
N ILE A 483 18.07 21.46 2.06
CA ILE A 483 17.68 20.34 1.22
C ILE A 483 16.29 20.54 0.63
N VAL A 484 15.39 21.16 1.38
CA VAL A 484 13.98 21.20 1.03
C VAL A 484 13.63 22.59 0.51
N GLY A 485 14.36 23.60 0.97
CA GLY A 485 14.03 24.98 0.67
C GLY A 485 12.83 25.50 1.43
N VAL A 486 12.74 25.17 2.70
CA VAL A 486 11.58 25.49 3.54
C VAL A 486 12.10 26.09 4.84
N VAL A 487 11.50 27.20 5.27
CA VAL A 487 11.95 27.90 6.46
C VAL A 487 10.80 27.95 7.47
N GLU A 488 11.16 27.83 8.75
CA GLU A 488 10.22 27.84 9.86
C GLU A 488 9.71 29.26 10.13
N PRO A 489 8.42 29.44 10.36
CA PRO A 489 7.90 30.78 10.62
C PRO A 489 8.26 31.34 11.99
N LEU A 490 8.54 30.49 12.98
CA LEU A 490 8.98 30.91 14.30
C LEU A 490 10.14 30.03 14.72
N PRO A 491 11.07 30.55 15.52
CA PRO A 491 12.23 29.75 15.94
C PRO A 491 11.90 28.75 17.05
N HIS A 492 12.39 27.53 16.91
CA HIS A 492 12.11 26.44 17.83
C HIS A 492 13.39 25.98 18.50
N ASP A 493 13.40 25.94 19.82
CA ASP A 493 14.58 25.53 20.59
C ASP A 493 14.49 24.04 20.93
N GLU A 494 15.37 23.58 21.81
CA GLU A 494 15.49 22.16 22.09
C GLU A 494 14.42 21.63 23.03
N THR A 495 13.37 22.40 23.33
CA THR A 495 12.22 21.86 24.04
C THR A 495 11.17 21.30 23.10
N TYR A 496 11.31 21.51 21.80
CA TYR A 496 10.45 20.96 20.77
C TYR A 496 11.00 19.63 20.25
N CYS A 497 10.12 18.86 19.61
CA CYS A 497 10.51 17.74 18.76
C CYS A 497 9.58 17.75 17.55
N ASP A 498 9.97 18.49 16.52
CA ASP A 498 9.11 18.71 15.36
C ASP A 498 9.02 17.48 14.46
N PRO A 499 10.08 16.69 14.29
CA PRO A 499 9.91 15.40 13.60
C PRO A 499 8.87 14.49 14.22
N ALA A 500 8.78 14.45 15.55
CA ALA A 500 7.89 13.49 16.21
C ALA A 500 6.42 13.88 16.11
N SER A 501 6.10 15.09 15.66
CA SER A 501 4.73 15.49 15.42
C SER A 501 4.13 14.86 14.17
N LEU A 502 4.91 14.12 13.42
CA LEU A 502 4.42 13.34 12.27
C LEU A 502 4.08 11.91 12.71
N PHE A 503 3.11 11.32 12.00
CA PHE A 503 2.57 10.02 12.42
C PHE A 503 3.61 8.90 12.36
N HIS A 504 4.42 8.87 11.30
CA HIS A 504 5.33 7.75 11.13
C HIS A 504 6.49 7.79 12.12
N VAL A 505 6.84 8.97 12.61
CA VAL A 505 7.95 9.08 13.55
C VAL A 505 7.50 8.73 14.96
N ALA A 506 6.32 9.19 15.35
CA ALA A 506 5.79 8.87 16.68
C ALA A 506 5.33 7.42 16.78
N ASN A 507 5.07 6.75 15.67
CA ASN A 507 4.58 5.39 15.67
C ASN A 507 5.63 4.38 15.24
N ASP A 508 6.89 4.80 15.12
CA ASP A 508 8.02 3.89 14.91
C ASP A 508 7.92 3.14 13.59
N TYR A 509 7.71 3.89 12.51
CA TYR A 509 7.65 3.32 11.17
C TYR A 509 8.82 3.81 10.33
N SER A 510 9.45 2.90 9.60
CA SER A 510 10.45 3.29 8.63
C SER A 510 9.82 4.03 7.46
N PHE A 511 10.60 4.94 6.87
CA PHE A 511 10.03 5.95 5.99
C PHE A 511 10.69 6.01 4.62
N ILE A 512 11.83 5.34 4.43
CA ILE A 512 12.54 5.36 3.16
C ILE A 512 11.86 4.50 2.10
N ARG A 513 10.86 3.71 2.47
CA ARG A 513 10.10 2.96 1.46
C ARG A 513 9.37 3.87 0.50
N TYR A 514 9.00 5.08 0.93
CA TYR A 514 8.31 6.00 0.05
C TYR A 514 9.25 6.62 -0.97
N PHE A 515 10.54 6.69 -0.66
CA PHE A 515 11.51 7.14 -1.65
C PHE A 515 11.73 6.08 -2.72
N THR A 516 12.02 4.85 -2.29
CA THR A 516 12.34 3.77 -3.25
C THR A 516 11.16 3.45 -4.12
N ARG A 517 9.95 3.39 -3.54
CA ARG A 517 8.76 2.99 -4.32
C ARG A 517 8.65 3.89 -5.57
N THR A 518 8.83 5.20 -5.40
CA THR A 518 8.71 6.14 -6.53
C THR A 518 9.75 5.79 -7.58
N ILE A 519 10.99 5.51 -7.15
CA ILE A 519 12.05 5.24 -8.12
C ILE A 519 11.76 3.96 -8.89
N PHE A 520 11.27 2.92 -8.21
CA PHE A 520 11.00 1.65 -8.87
C PHE A 520 9.79 1.71 -9.78
N GLU A 521 8.80 2.53 -9.43
CA GLU A 521 7.57 2.61 -10.20
C GLU A 521 7.82 3.15 -11.60
N PHE A 522 8.70 4.14 -11.74
CA PHE A 522 9.00 4.69 -13.05
C PHE A 522 10.03 3.88 -13.81
N GLN A 523 10.85 3.10 -13.11
CA GLN A 523 11.68 2.12 -13.81
C GLN A 523 10.83 0.99 -14.38
N PHE A 524 9.85 0.51 -13.61
CA PHE A 524 8.96 -0.54 -14.10
C PHE A 524 8.14 -0.07 -15.29
N GLN A 525 7.63 1.11 -15.21
CA GLN A 525 6.81 1.72 -16.23
C GLN A 525 7.48 1.90 -17.53
N GLU A 526 8.70 2.33 -17.49
CA GLU A 526 9.46 2.57 -18.72
C GLU A 526 9.83 1.26 -19.40
N ALA A 527 10.16 0.22 -18.64
CA ALA A 527 10.46 -1.07 -19.23
C ALA A 527 9.24 -1.65 -19.94
N LEU A 528 8.07 -1.55 -19.32
CA LEU A 528 6.87 -2.17 -19.85
C LEU A 528 6.31 -1.43 -21.06
N CYS A 529 6.54 -0.12 -21.16
CA CYS A 529 6.12 0.63 -22.33
C CYS A 529 7.02 0.37 -23.53
N GLN A 530 8.27 -0.02 -23.31
CA GLN A 530 9.12 -0.47 -24.41
C GLN A 530 8.66 -1.82 -24.94
N ILE A 531 8.29 -2.73 -24.04
CA ILE A 531 7.80 -4.04 -24.44
C ILE A 531 6.45 -3.92 -25.13
N ALA A 532 5.63 -2.97 -24.70
CA ALA A 532 4.34 -2.73 -25.34
C ALA A 532 4.46 -1.92 -26.62
N LYS A 533 5.66 -1.46 -26.97
CA LYS A 533 5.89 -0.75 -28.26
C LYS A 533 5.06 0.55 -28.30
N HIS A 534 5.27 1.45 -27.35
CA HIS A 534 4.60 2.74 -27.29
C HIS A 534 5.47 3.80 -27.96
N GLN A 535 4.87 4.59 -28.85
CA GLN A 535 5.53 5.73 -29.47
C GLN A 535 5.01 7.01 -28.85
N GLY A 536 5.92 7.89 -28.46
CA GLY A 536 5.54 9.14 -27.85
C GLY A 536 5.98 9.22 -26.41
N PRO A 537 5.48 10.23 -25.70
CA PRO A 537 5.87 10.41 -24.30
C PRO A 537 5.36 9.30 -23.39
N LEU A 538 6.10 9.06 -22.31
CA LEU A 538 5.72 8.01 -21.37
C LEU A 538 4.38 8.28 -20.71
N HIS A 539 4.07 9.54 -20.41
CA HIS A 539 2.87 9.79 -19.62
C HIS A 539 1.59 9.44 -20.37
N LYS A 540 1.67 9.18 -21.67
CA LYS A 540 0.51 8.82 -22.47
C LYS A 540 0.41 7.32 -22.73
N CYS A 541 1.22 6.52 -22.06
CA CYS A 541 1.36 5.11 -22.37
C CYS A 541 0.31 4.26 -21.66
N ASP A 542 -0.25 3.31 -22.40
CA ASP A 542 -1.26 2.38 -21.90
C ASP A 542 -0.83 0.98 -22.28
N ILE A 543 -0.63 0.11 -21.28
CA ILE A 543 -0.16 -1.24 -21.55
C ILE A 543 -1.28 -2.23 -21.75
N SER A 544 -2.53 -1.78 -21.71
CA SER A 544 -3.67 -2.66 -21.88
C SER A 544 -3.61 -3.37 -23.22
N ASN A 545 -4.03 -4.64 -23.23
CA ASN A 545 -4.04 -5.52 -24.38
C ASN A 545 -2.65 -5.96 -24.83
N SER A 546 -1.68 -5.96 -23.93
CA SER A 546 -0.32 -6.38 -24.25
C SER A 546 0.03 -7.58 -23.37
N THR A 547 -0.13 -8.79 -23.91
CA THR A 547 0.20 -9.98 -23.14
C THR A 547 1.70 -10.20 -23.03
N GLU A 548 2.50 -9.62 -23.91
CA GLU A 548 3.94 -9.72 -23.76
C GLU A 548 4.46 -8.83 -22.63
N ALA A 549 3.76 -7.73 -22.34
CA ALA A 549 4.14 -6.89 -21.21
C ALA A 549 3.73 -7.51 -19.88
N GLY A 550 2.56 -8.15 -19.84
CA GLY A 550 2.11 -8.82 -18.63
C GLY A 550 2.81 -10.11 -18.33
N ASN A 551 3.42 -10.74 -19.33
CA ASN A 551 4.23 -11.92 -19.09
C ASN A 551 5.58 -11.56 -18.52
N LYS A 552 6.15 -10.42 -18.95
CA LYS A 552 7.42 -9.96 -18.41
C LYS A 552 7.26 -9.50 -16.97
N LEU A 553 6.13 -8.88 -16.65
CA LEU A 553 5.85 -8.49 -15.27
C LEU A 553 5.67 -9.71 -14.37
N LEU A 554 5.06 -10.77 -14.90
CA LEU A 554 4.71 -11.94 -14.11
C LEU A 554 5.91 -12.79 -13.73
N GLU A 555 7.02 -12.69 -14.47
CA GLU A 555 8.20 -13.46 -14.09
C GLU A 555 8.90 -12.86 -12.88
N MET A 556 8.78 -11.56 -12.66
CA MET A 556 9.29 -10.97 -11.43
C MET A 556 8.36 -11.26 -10.26
N LEU A 557 7.05 -11.25 -10.51
CA LEU A 557 6.09 -11.34 -9.42
C LEU A 557 6.11 -12.71 -8.77
N LYS A 558 6.39 -13.76 -9.55
CA LYS A 558 6.40 -15.13 -9.05
C LYS A 558 7.50 -15.38 -8.05
N LEU A 559 8.58 -14.61 -8.10
CA LEU A 559 9.76 -14.87 -7.28
C LEU A 559 9.50 -14.68 -5.81
N GLY A 560 8.63 -13.75 -5.44
CA GLY A 560 8.45 -13.41 -4.04
C GLY A 560 9.70 -12.82 -3.45
N LYS A 561 10.14 -13.40 -2.34
CA LYS A 561 11.34 -12.98 -1.61
C LYS A 561 12.44 -14.03 -1.65
N SER A 562 12.39 -14.95 -2.63
CA SER A 562 13.34 -16.04 -2.72
C SER A 562 14.61 -15.69 -3.48
N LYS A 563 14.71 -14.49 -4.02
CA LYS A 563 15.86 -14.03 -4.78
C LYS A 563 16.27 -12.66 -4.28
N PRO A 564 17.51 -12.24 -4.56
CA PRO A 564 17.87 -10.84 -4.30
C PRO A 564 16.98 -9.89 -5.09
N TRP A 565 16.62 -8.77 -4.45
CA TRP A 565 15.77 -7.80 -5.13
C TRP A 565 16.46 -7.19 -6.34
N THR A 566 17.79 -7.20 -6.38
CA THR A 566 18.51 -6.74 -7.55
C THR A 566 18.35 -7.69 -8.72
N PHE A 567 18.12 -8.98 -8.43
CA PHE A 567 17.85 -9.95 -9.47
C PHE A 567 16.43 -9.84 -10.00
N ALA A 568 15.46 -9.54 -9.13
CA ALA A 568 14.10 -9.33 -9.59
C ALA A 568 13.96 -8.01 -10.32
N LEU A 569 14.75 -7.01 -9.95
CA LEU A 569 14.77 -5.75 -10.70
C LEU A 569 15.31 -5.96 -12.11
N GLU A 570 16.36 -6.77 -12.26
CA GLU A 570 16.92 -7.00 -13.58
C GLU A 570 16.00 -7.84 -14.46
N LYS A 571 15.14 -8.66 -13.85
CA LYS A 571 14.22 -9.49 -14.62
C LYS A 571 13.29 -8.63 -15.47
N ILE A 572 12.79 -7.53 -14.91
CA ILE A 572 11.82 -6.71 -15.60
C ILE A 572 12.49 -5.55 -16.34
N THR A 573 13.45 -4.86 -15.73
CA THR A 573 14.02 -3.67 -16.34
C THR A 573 15.35 -3.91 -17.06
N GLY A 574 16.00 -5.05 -16.82
CA GLY A 574 17.28 -5.29 -17.45
C GLY A 574 18.47 -4.61 -16.82
N THR A 575 18.33 -4.04 -15.63
CA THR A 575 19.45 -3.46 -14.90
C THR A 575 19.33 -3.80 -13.43
N LYS A 576 20.47 -3.81 -12.75
CA LYS A 576 20.56 -4.21 -11.35
C LYS A 576 20.50 -3.06 -10.37
N LYS A 577 20.40 -1.83 -10.84
CA LYS A 577 20.62 -0.65 -9.99
C LYS A 577 19.40 0.25 -9.97
N MET A 578 19.23 0.95 -8.84
CA MET A 578 18.32 2.08 -8.80
C MET A 578 18.75 3.15 -9.79
N ASP A 579 17.79 3.77 -10.44
CA ASP A 579 18.06 4.70 -11.53
C ASP A 579 16.94 5.72 -11.60
N ALA A 580 17.30 7.00 -11.63
CA ALA A 580 16.33 8.08 -11.63
C ALA A 580 16.07 8.67 -13.01
N LYS A 581 16.83 8.27 -14.02
CA LYS A 581 16.55 8.75 -15.38
C LYS A 581 15.15 8.39 -15.89
N PRO A 582 14.58 7.21 -15.60
CA PRO A 582 13.18 6.99 -16.01
C PRO A 582 12.19 7.98 -15.42
N LEU A 583 12.41 8.44 -14.17
CA LEU A 583 11.54 9.45 -13.59
C LEU A 583 11.68 10.78 -14.31
N LEU A 584 12.90 11.13 -14.70
CA LEU A 584 13.13 12.40 -15.37
C LEU A 584 12.64 12.40 -16.82
N ASN A 585 12.55 11.22 -17.43
CA ASN A 585 11.94 11.11 -18.76
C ASN A 585 10.44 11.36 -18.71
N TYR A 586 9.78 10.81 -17.70
CA TYR A 586 8.34 10.98 -17.55
C TYR A 586 7.95 12.44 -17.41
N PHE A 587 8.76 13.22 -16.68
CA PHE A 587 8.46 14.62 -16.40
C PHE A 587 9.22 15.57 -17.30
N GLU A 588 9.59 15.13 -18.49
CA GLU A 588 10.35 15.95 -19.43
C GLU A 588 9.51 16.99 -20.15
N PRO A 589 8.25 16.72 -20.55
CA PRO A 589 7.42 17.81 -21.08
C PRO A 589 7.19 18.94 -20.08
N LEU A 590 7.10 18.64 -18.79
CA LEU A 590 6.90 19.67 -17.78
C LEU A 590 8.20 20.42 -17.49
N PHE A 591 9.34 19.72 -17.51
CA PHE A 591 10.61 20.38 -17.28
C PHE A 591 10.92 21.41 -18.36
N THR A 592 10.51 21.13 -19.60
CA THR A 592 10.70 22.08 -20.68
C THR A 592 9.81 23.31 -20.50
N TRP A 593 8.57 23.11 -20.06
CA TRP A 593 7.66 24.24 -19.86
C TRP A 593 8.06 25.08 -18.65
N LEU A 594 8.62 24.46 -17.61
CA LEU A 594 9.00 25.20 -16.42
C LEU A 594 10.19 26.12 -16.68
N LYS A 595 11.11 25.71 -17.55
CA LYS A 595 12.26 26.55 -17.84
C LYS A 595 11.88 27.78 -18.67
N GLU A 596 10.85 27.66 -19.50
CA GLU A 596 10.34 28.84 -20.19
C GLU A 596 9.60 29.76 -19.23
N GLN A 597 8.90 29.21 -18.24
CA GLN A 597 8.22 30.05 -17.27
C GLN A 597 9.20 30.81 -16.39
N ASN A 598 10.23 30.14 -15.92
CA ASN A 598 11.18 30.74 -14.99
C ASN A 598 12.24 31.57 -15.70
N GLY A 599 12.34 31.39 -17.00
CA GLY A 599 13.33 32.09 -17.80
C GLY A 599 12.73 33.33 -18.37
N SER A 606 11.55 39.62 -17.21
CA SER A 606 12.13 39.11 -15.99
C SER A 606 11.27 38.00 -15.42
N GLY A 607 11.85 36.80 -15.27
CA GLY A 607 11.12 35.65 -14.78
C GLY A 607 11.38 35.37 -13.31
N ASN A 608 11.65 34.12 -12.97
CA ASN A 608 11.82 33.70 -11.60
C ASN A 608 13.27 33.28 -11.33
N TYR A 609 13.79 33.71 -10.19
CA TYR A 609 15.06 33.20 -9.71
C TYR A 609 14.91 31.74 -9.30
N VAL A 610 15.89 30.92 -9.67
CA VAL A 610 15.84 29.48 -9.41
C VAL A 610 16.88 29.16 -8.35
N GLY A 611 16.45 28.53 -7.27
CA GLY A 611 17.26 28.32 -6.09
C GLY A 611 16.76 29.14 -4.91
N TRP A 612 17.36 28.87 -3.76
CA TRP A 612 16.94 29.54 -2.53
C TRP A 612 18.15 29.92 -1.71
N SER A 613 17.94 30.90 -0.83
CA SER A 613 18.94 31.35 0.12
C SER A 613 18.52 30.93 1.52
N SER A 614 19.44 30.35 2.28
CA SER A 614 19.16 29.89 3.63
C SER A 614 19.35 30.99 4.68
N ASP A 615 19.33 32.25 4.26
CA ASP A 615 19.53 33.38 5.16
C ASP A 615 18.22 34.05 5.57
N TRP A 616 17.28 34.22 4.65
CA TRP A 616 16.03 34.90 4.96
C TRP A 616 15.16 34.05 5.88
N SER A 617 14.34 34.73 6.67
CA SER A 617 13.30 34.09 7.45
C SER A 617 12.17 35.10 7.62
N PRO A 618 10.96 34.63 7.95
CA PRO A 618 9.85 35.56 8.19
C PRO A 618 10.04 36.48 9.39
N TYR A 619 11.08 36.30 10.19
CA TYR A 619 11.27 37.04 11.42
C TYR A 619 12.66 37.67 11.54
N ALA A 620 13.48 37.58 10.49
CA ALA A 620 14.88 37.96 10.58
C ALA A 620 15.09 39.46 10.57
N ASP A 621 14.25 40.21 9.87
CA ASP A 621 14.47 41.64 9.71
C ASP A 621 14.04 42.46 10.91
N GLN A 622 13.34 41.85 11.87
CA GLN A 622 12.88 42.53 13.05
C GLN A 622 13.65 42.12 14.30
N SER A 623 14.63 41.25 14.17
CA SER A 623 15.40 40.81 15.32
C SER A 623 16.34 41.90 15.80
N ILE A 624 16.66 41.85 17.09
CA ILE A 624 17.63 42.72 17.72
C ILE A 624 18.70 41.84 18.32
N LYS A 625 19.96 42.10 17.97
CA LYS A 625 21.06 41.27 18.40
C LYS A 625 21.62 41.79 19.72
N VAL A 626 21.67 40.92 20.71
CA VAL A 626 22.22 41.23 22.03
C VAL A 626 23.59 40.57 22.11
N ARG A 627 24.64 41.37 22.16
CA ARG A 627 25.99 40.87 22.37
C ARG A 627 26.38 41.08 23.82
N TRP A 641 26.12 32.08 32.03
CA TRP A 641 24.91 32.62 31.40
C TRP A 641 24.01 31.45 30.98
N ASN A 642 23.31 30.89 31.96
CA ASN A 642 22.52 29.69 31.77
C ASN A 642 21.08 30.05 31.38
N ASP A 643 20.20 29.05 31.42
CA ASP A 643 18.84 29.22 30.91
C ASP A 643 17.96 30.04 31.83
N ASN A 644 18.34 30.19 33.11
CA ASN A 644 17.61 31.09 33.99
C ASN A 644 17.84 32.54 33.66
N GLU A 645 18.94 32.85 32.95
CA GLU A 645 19.16 34.22 32.48
C GLU A 645 18.22 34.58 31.35
N MET A 646 17.95 33.64 30.45
CA MET A 646 16.93 33.84 29.41
C MET A 646 15.57 34.16 30.01
N TYR A 647 15.08 33.33 30.93
CA TYR A 647 13.73 33.57 31.45
C TYR A 647 13.64 34.93 32.12
N LEU A 648 14.72 35.40 32.73
CA LEU A 648 14.74 36.73 33.31
C LEU A 648 14.86 37.80 32.25
N PHE A 649 15.64 37.56 31.20
CA PHE A 649 15.80 38.53 30.12
C PHE A 649 14.49 38.74 29.37
N ARG A 650 13.75 37.66 29.08
CA ARG A 650 12.51 37.80 28.34
C ARG A 650 11.44 38.51 29.16
N SER A 651 11.50 38.40 30.48
CA SER A 651 10.55 39.12 31.32
C SER A 651 10.93 40.59 31.45
N SER A 652 12.22 40.90 31.45
CA SER A 652 12.63 42.30 31.40
C SER A 652 12.18 42.96 30.11
N VAL A 653 12.33 42.27 28.99
CA VAL A 653 11.83 42.77 27.71
C VAL A 653 10.31 42.87 27.73
N ALA A 654 9.64 41.86 28.28
CA ALA A 654 8.17 41.85 28.30
C ALA A 654 7.64 43.00 29.14
N TYR A 655 8.27 43.26 30.29
CA TYR A 655 7.86 44.41 31.10
C TYR A 655 8.08 45.71 30.36
N ALA A 656 9.22 45.84 29.69
CA ALA A 656 9.55 47.07 28.98
C ALA A 656 8.55 47.36 27.87
N MET A 657 8.11 46.33 27.15
CA MET A 657 7.09 46.53 26.13
C MET A 657 5.79 47.02 26.75
N ARG A 658 5.37 46.37 27.84
CA ARG A 658 4.07 46.64 28.42
C ARG A 658 3.98 48.07 28.93
N GLU A 659 5.08 48.59 29.48
CA GLU A 659 5.09 49.97 29.97
C GLU A 659 5.12 50.97 28.83
N TYR A 660 5.83 50.65 27.75
CA TYR A 660 5.96 51.57 26.61
C TYR A 660 4.63 51.78 25.90
N PHE A 661 3.83 50.72 25.77
CA PHE A 661 2.53 50.82 25.12
C PHE A 661 1.49 51.48 26.00
N LEU A 662 1.81 51.73 27.27
CA LEU A 662 0.92 52.46 28.17
C LEU A 662 1.32 53.92 28.31
N LYS A 663 2.62 54.20 28.40
CA LYS A 663 3.10 55.55 28.60
C LYS A 663 3.31 56.32 27.30
N VAL A 664 3.24 55.65 26.15
CA VAL A 664 3.35 56.32 24.86
C VAL A 664 2.15 56.03 23.96
N LYS A 665 1.72 54.76 23.89
CA LYS A 665 0.56 54.39 23.09
C LYS A 665 -0.74 54.42 23.87
N ASN A 666 -0.68 54.57 25.19
CA ASN A 666 -1.86 54.59 26.05
C ASN A 666 -2.72 53.35 25.85
N GLN A 667 -2.04 52.20 25.85
CA GLN A 667 -2.68 50.90 25.69
C GLN A 667 -2.23 49.90 26.73
N THR A 668 -3.14 49.04 27.14
CA THR A 668 -2.80 47.99 28.10
C THR A 668 -2.72 46.68 27.34
N ILE A 669 -1.50 46.27 27.01
CA ILE A 669 -1.24 45.03 26.29
C ILE A 669 -0.44 44.11 27.19
N PRO A 670 -0.98 42.95 27.57
CA PRO A 670 -0.29 42.04 28.49
C PRO A 670 0.80 41.17 27.84
N PHE A 671 1.92 41.81 27.53
CA PHE A 671 3.07 41.09 27.02
C PHE A 671 3.65 40.18 28.10
N ARG A 672 4.02 38.98 27.71
CA ARG A 672 4.59 37.98 28.61
C ARG A 672 5.95 37.53 28.09
N ALA A 673 6.63 36.70 28.88
CA ALA A 673 7.89 36.13 28.45
C ALA A 673 7.71 35.11 27.35
N GLU A 674 6.47 34.71 27.06
CA GLU A 674 6.20 33.82 25.94
C GLU A 674 6.08 34.56 24.61
N ASP A 675 5.93 35.88 24.66
CA ASP A 675 5.88 36.72 23.48
C ASP A 675 7.25 37.21 23.07
N VAL A 676 8.30 36.79 23.76
CA VAL A 676 9.67 37.13 23.45
C VAL A 676 10.35 35.86 22.96
N TRP A 677 10.86 35.89 21.74
CA TRP A 677 11.39 34.73 21.05
C TRP A 677 12.88 34.89 20.83
N VAL A 678 13.65 33.98 21.41
CA VAL A 678 15.10 34.01 21.34
C VAL A 678 15.54 33.06 20.23
N ASN A 679 16.37 33.56 19.32
CA ASN A 679 16.86 32.81 18.18
C ASN A 679 18.33 33.14 17.97
N ASP A 680 19.00 32.23 17.26
CA ASP A 680 20.37 32.45 16.78
C ASP A 680 21.29 32.65 17.99
N VAL A 681 21.42 31.59 18.78
CA VAL A 681 22.20 31.62 20.00
C VAL A 681 23.58 31.04 19.72
N LYS A 682 24.61 31.78 20.06
CA LYS A 682 26.00 31.36 19.95
C LYS A 682 26.52 30.87 21.29
N PRO A 683 27.51 29.97 21.29
CA PRO A 683 28.17 29.62 22.56
C PRO A 683 28.66 30.83 23.34
N ARG A 684 29.49 31.67 22.73
CA ARG A 684 29.73 32.99 23.30
C ARG A 684 28.42 33.76 23.34
N VAL A 685 28.19 34.50 24.42
CA VAL A 685 26.84 35.00 24.67
C VAL A 685 26.51 36.08 23.65
N SER A 686 25.76 35.68 22.63
CA SER A 686 25.31 36.57 21.57
C SER A 686 24.07 35.93 20.95
N PHE A 687 22.92 36.58 21.11
CA PHE A 687 21.66 36.06 20.60
C PHE A 687 20.86 37.20 20.00
N LYS A 688 19.76 36.84 19.35
CA LYS A 688 18.80 37.79 18.81
C LYS A 688 17.43 37.50 19.39
N PHE A 689 16.53 38.47 19.27
CA PHE A 689 15.18 38.30 19.80
C PHE A 689 14.24 39.27 19.11
N PHE A 690 12.96 38.92 19.13
CA PHE A 690 11.89 39.80 18.69
C PHE A 690 10.66 39.55 19.55
N VAL A 691 9.71 40.48 19.47
CA VAL A 691 8.50 40.44 20.27
C VAL A 691 7.31 40.30 19.33
N THR A 692 6.36 39.44 19.69
CA THR A 692 5.09 39.33 18.99
C THR A 692 3.96 39.79 19.90
N SER A 693 2.81 40.08 19.28
CA SER A 693 1.64 40.47 20.02
C SER A 693 1.08 39.29 20.82
N PRO A 694 0.54 39.54 22.01
CA PRO A 694 0.08 38.44 22.88
C PRO A 694 -1.01 37.58 22.29
N THR A 695 -1.80 38.08 21.34
CA THR A 695 -2.89 37.29 20.76
C THR A 695 -2.67 36.94 19.30
N ASN A 696 -1.71 37.57 18.63
CA ASN A 696 -1.53 37.48 17.19
C ASN A 696 -0.05 37.22 16.90
N MET A 697 0.30 35.95 16.71
CA MET A 697 1.69 35.58 16.45
C MET A 697 2.17 36.02 15.08
N SER A 698 1.26 36.37 14.17
CA SER A 698 1.66 36.90 12.88
C SER A 698 2.18 38.33 12.99
N ASP A 699 1.80 39.05 14.03
CA ASP A 699 2.14 40.44 14.20
C ASP A 699 3.41 40.56 15.03
N ILE A 700 4.52 40.87 14.37
CA ILE A 700 5.79 41.09 15.04
C ILE A 700 5.94 42.58 15.28
N ILE A 701 6.22 42.94 16.53
CA ILE A 701 6.35 44.37 16.88
C ILE A 701 7.55 44.95 16.15
N PRO A 702 7.43 46.10 15.49
CA PRO A 702 8.52 46.62 14.67
C PRO A 702 9.79 46.87 15.48
N ARG A 703 10.93 46.66 14.82
CA ARG A 703 12.21 46.82 15.48
C ARG A 703 12.43 48.23 15.99
N SER A 704 11.78 49.21 15.36
CA SER A 704 11.91 50.60 15.80
C SER A 704 11.27 50.80 17.17
N GLU A 705 10.05 50.30 17.35
CA GLU A 705 9.34 50.50 18.62
C GLU A 705 9.97 49.70 19.76
N VAL A 706 10.50 48.51 19.47
CA VAL A 706 11.15 47.72 20.51
C VAL A 706 12.40 48.42 21.00
N GLU A 707 13.17 49.01 20.09
CA GLU A 707 14.38 49.74 20.48
C GLU A 707 14.05 50.92 21.39
N ASP A 708 12.97 51.65 21.08
CA ASP A 708 12.60 52.79 21.91
C ASP A 708 12.19 52.36 23.30
N ALA A 709 11.46 51.26 23.41
CA ALA A 709 10.99 50.79 24.71
C ALA A 709 12.14 50.32 25.58
N ILE A 710 13.20 49.77 24.98
CA ILE A 710 14.37 49.38 25.75
C ILE A 710 15.11 50.61 26.26
N ARG A 711 15.20 51.66 25.44
CA ARG A 711 15.88 52.88 25.87
C ARG A 711 15.18 53.51 27.06
N MET A 712 13.85 53.50 27.08
CA MET A 712 13.12 54.08 28.20
C MET A 712 13.41 53.37 29.50
N SER A 713 13.45 52.04 29.48
CA SER A 713 13.67 51.24 30.68
C SER A 713 15.09 50.69 30.76
N ARG A 714 16.05 51.34 30.10
CA ARG A 714 17.43 50.85 30.08
C ARG A 714 18.01 50.77 31.48
N SER A 715 17.60 51.69 32.37
CA SER A 715 18.12 51.67 33.74
C SER A 715 17.67 50.43 34.49
N ARG A 716 16.36 50.15 34.47
CA ARG A 716 15.85 49.00 35.21
C ARG A 716 16.30 47.68 34.60
N ILE A 717 16.52 47.63 33.29
CA ILE A 717 16.93 46.39 32.65
C ILE A 717 18.33 45.99 33.10
N ASN A 718 19.27 46.93 33.09
CA ASN A 718 20.60 46.64 33.59
C ASN A 718 20.64 46.48 35.10
N LEU A 728 25.88 44.87 28.31
CA LEU A 728 24.69 44.39 27.60
C LEU A 728 24.58 45.10 26.24
N GLU A 729 25.61 44.91 25.42
CA GLU A 729 25.72 45.63 24.17
C GLU A 729 24.60 45.22 23.21
N PHE A 730 23.96 46.21 22.60
CA PHE A 730 22.93 45.98 21.60
C PHE A 730 23.46 46.43 20.25
N LEU A 731 23.47 45.52 19.28
CA LEU A 731 23.99 45.79 17.95
C LEU A 731 22.87 46.20 17.01
N GLU B 33 -32.30 -47.90 -26.70
CA GLU B 33 -32.73 -48.43 -25.42
C GLU B 33 -31.74 -48.08 -24.31
N CYS B 34 -30.97 -47.02 -24.53
CA CYS B 34 -29.96 -46.63 -23.56
C CYS B 34 -30.60 -46.25 -22.23
N ASP B 35 -30.05 -46.80 -21.14
CA ASP B 35 -30.59 -46.63 -19.80
C ASP B 35 -29.97 -45.42 -19.13
N PHE B 36 -30.81 -44.60 -18.51
CA PHE B 36 -30.37 -43.47 -17.70
C PHE B 36 -30.79 -43.61 -16.25
N THR B 37 -31.17 -44.83 -15.83
CA THR B 37 -31.70 -45.03 -14.49
C THR B 37 -30.63 -44.85 -13.42
N SER B 38 -29.43 -45.41 -13.62
CA SER B 38 -28.38 -45.29 -12.64
C SER B 38 -27.99 -43.83 -12.41
N MET B 39 -28.37 -42.94 -13.33
CA MET B 39 -28.20 -41.51 -13.19
C MET B 39 -29.24 -40.86 -12.30
N LEU B 40 -30.29 -41.59 -11.94
CA LEU B 40 -31.46 -40.99 -11.30
C LEU B 40 -31.86 -41.63 -9.98
N THR B 41 -31.25 -42.75 -9.59
CA THR B 41 -31.68 -43.51 -8.44
C THR B 41 -30.70 -43.46 -7.27
N ALA B 42 -29.66 -42.63 -7.37
CA ALA B 42 -28.69 -42.50 -6.30
C ALA B 42 -28.31 -41.04 -6.16
N VAL B 43 -27.68 -40.72 -5.04
CA VAL B 43 -27.18 -39.36 -4.84
C VAL B 43 -26.09 -39.05 -5.85
N PRO B 44 -26.07 -37.85 -6.45
CA PRO B 44 -25.02 -37.56 -7.42
C PRO B 44 -23.70 -37.25 -6.72
N PRO B 45 -22.56 -37.50 -7.42
CA PRO B 45 -21.24 -37.25 -6.84
C PRO B 45 -20.87 -35.78 -6.99
N GLN B 46 -19.72 -35.43 -6.44
CA GLN B 46 -19.22 -34.07 -6.53
C GLN B 46 -18.35 -33.90 -7.77
N VAL B 47 -17.99 -32.67 -8.08
CA VAL B 47 -17.36 -32.36 -9.35
C VAL B 47 -16.00 -33.04 -9.49
N TYR B 48 -15.25 -33.15 -8.39
CA TYR B 48 -13.95 -33.83 -8.47
C TYR B 48 -14.09 -35.35 -8.57
N ASN B 49 -15.29 -35.88 -8.31
CA ASN B 49 -15.52 -37.35 -8.33
C ASN B 49 -16.67 -37.64 -9.29
N PHE B 50 -16.62 -37.13 -10.50
CA PHE B 50 -17.73 -37.26 -11.43
C PHE B 50 -17.95 -38.71 -11.85
N SER B 51 -19.21 -39.01 -12.14
CA SER B 51 -19.56 -40.35 -12.63
C SER B 51 -19.58 -40.29 -14.15
N ARG B 52 -19.40 -41.42 -14.81
CA ARG B 52 -19.32 -41.48 -16.26
C ARG B 52 -20.17 -42.62 -16.79
N LEU B 53 -21.03 -42.32 -17.75
CA LEU B 53 -21.77 -43.33 -18.50
C LEU B 53 -21.28 -43.34 -19.94
N VAL B 54 -20.79 -44.48 -20.41
CA VAL B 54 -20.43 -44.67 -21.81
C VAL B 54 -21.40 -45.67 -22.41
N PHE B 55 -22.13 -45.24 -23.42
CA PHE B 55 -23.17 -46.04 -24.04
C PHE B 55 -22.68 -46.57 -25.38
N THR B 56 -22.71 -47.89 -25.54
CA THR B 56 -22.37 -48.55 -26.79
C THR B 56 -23.44 -49.56 -27.13
N ASN B 57 -23.85 -49.57 -28.40
CA ASN B 57 -24.85 -50.49 -28.91
C ASN B 57 -26.19 -50.34 -28.18
N CYS B 58 -26.74 -49.13 -28.26
CA CYS B 58 -28.09 -48.86 -27.80
C CYS B 58 -28.59 -47.63 -28.53
N ASN B 59 -29.91 -47.44 -28.48
CA ASN B 59 -30.57 -46.33 -29.15
C ASN B 59 -31.11 -45.36 -28.11
N TYR B 60 -30.81 -44.08 -28.28
CA TYR B 60 -31.07 -43.07 -27.26
C TYR B 60 -32.21 -42.13 -27.65
N ASN B 61 -32.73 -41.44 -26.64
CA ASN B 61 -33.70 -40.36 -26.78
C ASN B 61 -33.25 -39.26 -25.82
N LEU B 62 -32.49 -38.29 -26.33
CA LEU B 62 -31.96 -37.21 -25.46
C LEU B 62 -33.11 -36.30 -25.00
N THR B 63 -34.18 -36.21 -25.78
CA THR B 63 -35.32 -35.35 -25.43
C THR B 63 -36.00 -35.91 -24.19
N LYS B 64 -36.07 -37.23 -24.09
CA LYS B 64 -36.70 -37.88 -22.91
C LYS B 64 -35.77 -37.73 -21.69
N LEU B 65 -34.45 -37.70 -21.92
CA LEU B 65 -33.48 -37.61 -20.80
C LEU B 65 -33.52 -36.23 -20.16
N LEU B 66 -33.84 -35.19 -20.92
CA LEU B 66 -33.76 -33.81 -20.36
C LEU B 66 -35.13 -33.29 -19.91
N SER B 67 -36.22 -33.67 -20.59
CA SER B 67 -37.56 -33.12 -20.25
C SER B 67 -37.81 -33.31 -18.75
N LEU B 68 -37.14 -34.28 -18.13
CA LEU B 68 -37.25 -34.54 -16.68
C LEU B 68 -36.70 -33.37 -15.85
N PHE B 69 -35.78 -32.58 -16.39
CA PHE B 69 -35.12 -31.51 -15.60
C PHE B 69 -35.52 -30.12 -16.08
N GLN B 70 -34.74 -29.11 -15.71
CA GLN B 70 -35.02 -27.71 -16.14
C GLN B 70 -33.75 -27.13 -16.79
N VAL B 71 -33.47 -27.52 -18.03
CA VAL B 71 -32.20 -27.08 -18.70
C VAL B 71 -32.11 -25.55 -18.65
N THR B 72 -31.00 -25.02 -18.12
CA THR B 72 -30.82 -23.56 -18.01
C THR B 72 -29.58 -23.15 -18.78
N GLU B 73 -28.93 -24.10 -19.44
CA GLU B 73 -27.74 -23.79 -20.28
C GLU B 73 -27.49 -25.00 -21.22
N PHE B 74 -27.04 -24.74 -22.45
CA PHE B 74 -26.75 -25.83 -23.40
C PHE B 74 -25.59 -25.42 -24.31
N SER B 75 -24.56 -24.79 -23.74
CA SER B 75 -23.50 -24.31 -24.62
C SER B 75 -22.81 -25.52 -25.26
N CYS B 76 -22.62 -25.51 -26.56
CA CYS B 76 -21.98 -26.62 -27.25
C CYS B 76 -20.64 -26.25 -27.86
N HIS B 77 -20.08 -27.17 -28.61
CA HIS B 77 -18.73 -26.94 -29.15
C HIS B 77 -18.49 -27.90 -30.30
N GLN B 78 -18.26 -27.41 -31.52
CA GLN B 78 -18.17 -28.19 -32.77
C GLN B 78 -19.28 -29.24 -32.93
N VAL B 79 -20.49 -28.86 -32.57
CA VAL B 79 -21.72 -29.61 -32.62
C VAL B 79 -22.82 -28.55 -32.25
N SER B 80 -24.09 -28.89 -32.35
CA SER B 80 -25.10 -27.94 -31.93
C SER B 80 -26.19 -28.67 -31.24
N PRO B 81 -27.01 -27.96 -30.49
CA PRO B 81 -28.06 -28.52 -29.67
C PRO B 81 -29.03 -29.35 -30.44
N ASP B 82 -29.31 -28.93 -31.68
CA ASP B 82 -30.30 -29.64 -32.51
C ASP B 82 -29.64 -30.86 -33.18
N ALA B 83 -28.33 -30.78 -33.40
CA ALA B 83 -27.60 -31.89 -34.06
C ALA B 83 -27.13 -32.91 -33.02
N LEU B 84 -27.20 -32.54 -31.74
CA LEU B 84 -26.72 -33.44 -30.66
C LEU B 84 -27.52 -34.75 -30.67
N ALA B 85 -28.85 -34.67 -30.74
CA ALA B 85 -29.67 -35.90 -30.67
C ALA B 85 -29.83 -36.50 -32.06
N SER B 86 -29.67 -35.69 -33.10
CA SER B 86 -29.84 -36.16 -34.47
C SER B 86 -28.93 -37.23 -34.95
N GLY B 87 -27.65 -37.12 -34.65
CA GLY B 87 -26.59 -37.99 -35.14
C GLY B 87 -26.50 -39.42 -34.68
N CYS B 88 -25.57 -40.15 -35.27
CA CYS B 88 -25.22 -41.56 -35.01
C CYS B 88 -23.72 -41.46 -34.82
N TYR B 89 -23.23 -42.10 -33.76
CA TYR B 89 -21.91 -41.95 -33.17
C TYR B 89 -21.27 -43.31 -32.93
N SER B 90 -19.94 -43.33 -33.02
CA SER B 90 -19.20 -44.52 -32.62
C SER B 90 -19.40 -44.83 -31.14
N SER B 91 -19.36 -43.79 -30.30
CA SER B 91 -19.61 -43.95 -28.87
C SER B 91 -20.19 -42.66 -28.32
N LEU B 92 -20.83 -42.78 -27.16
CA LEU B 92 -21.40 -41.65 -26.45
C LEU B 92 -20.99 -41.71 -24.98
N THR B 93 -20.62 -40.56 -24.41
CA THR B 93 -20.19 -40.48 -23.03
C THR B 93 -20.96 -39.38 -22.32
N VAL B 94 -21.33 -39.63 -21.05
CA VAL B 94 -22.02 -38.66 -20.22
C VAL B 94 -21.31 -38.59 -18.88
N ASP B 95 -20.84 -37.40 -18.51
CA ASP B 95 -20.34 -37.12 -17.18
C ASP B 95 -21.35 -36.25 -16.45
N TYR B 96 -21.55 -36.50 -15.16
CA TYR B 96 -22.56 -35.76 -14.42
C TYR B 96 -22.16 -35.66 -12.96
N PHE B 97 -22.51 -34.52 -12.36
CA PHE B 97 -22.18 -34.25 -10.97
C PHE B 97 -23.08 -33.14 -10.45
N ALA B 98 -23.18 -33.05 -9.13
CA ALA B 98 -23.86 -31.94 -8.50
C ALA B 98 -23.06 -30.66 -8.68
N TYR B 99 -23.75 -29.57 -8.99
CA TYR B 99 -23.08 -28.32 -9.34
C TYR B 99 -23.98 -27.12 -9.09
N PRO B 100 -23.59 -26.16 -8.26
CA PRO B 100 -24.36 -24.93 -8.16
C PRO B 100 -24.34 -24.15 -9.47
N SER B 101 -25.49 -23.56 -9.80
CA SER B 101 -25.62 -22.88 -11.09
C SER B 101 -24.90 -21.54 -11.14
N TYR B 102 -24.64 -20.92 -9.99
CA TYR B 102 -23.96 -19.64 -10.00
C TYR B 102 -22.48 -19.76 -10.31
N LEU B 103 -21.94 -20.99 -10.36
CA LEU B 103 -20.60 -21.25 -10.82
C LEU B 103 -20.58 -21.73 -12.26
N ALA B 104 -21.54 -21.29 -13.07
CA ALA B 104 -21.63 -21.80 -14.46
C ALA B 104 -20.44 -21.35 -15.30
N SER B 105 -19.98 -20.11 -15.10
CA SER B 105 -18.88 -19.54 -15.93
C SER B 105 -17.57 -20.33 -15.76
N TYR B 106 -17.32 -20.84 -14.55
CA TYR B 106 -16.02 -21.51 -14.26
C TYR B 106 -15.98 -22.92 -14.85
N LEU B 107 -17.09 -23.43 -15.38
CA LEU B 107 -17.12 -24.84 -15.87
C LEU B 107 -16.52 -24.91 -17.29
N HIS B 108 -16.30 -23.75 -17.94
CA HIS B 108 -15.61 -23.76 -19.26
C HIS B 108 -14.14 -24.16 -19.04
N PRO B 109 -13.57 -25.10 -19.83
CA PRO B 109 -12.17 -25.61 -19.61
C PRO B 109 -11.11 -24.55 -19.89
N GLY B 110 -11.46 -23.50 -20.62
CA GLY B 110 -10.52 -22.42 -20.96
C GLY B 110 -10.44 -21.40 -19.85
N SER B 111 -10.98 -21.72 -18.67
CA SER B 111 -10.91 -20.81 -17.51
C SER B 111 -9.61 -21.06 -16.73
N THR B 112 -9.17 -20.07 -15.93
CA THR B 112 -7.94 -20.22 -15.12
C THR B 112 -8.35 -20.41 -13.68
N GLY B 113 -9.61 -20.77 -13.45
CA GLY B 113 -10.11 -20.95 -12.11
C GLY B 113 -9.89 -22.35 -11.57
N GLU B 114 -10.33 -22.54 -10.33
CA GLU B 114 -10.05 -23.77 -9.61
C GLU B 114 -10.81 -24.96 -10.17
N ILE B 115 -11.98 -24.74 -10.77
CA ILE B 115 -12.78 -25.86 -11.26
C ILE B 115 -12.05 -26.57 -12.39
N ALA B 116 -11.55 -25.81 -13.36
CA ALA B 116 -10.80 -26.40 -14.45
C ALA B 116 -9.38 -26.81 -14.02
N GLN B 117 -8.83 -26.15 -12.99
CA GLN B 117 -7.48 -26.47 -12.54
C GLN B 117 -7.42 -27.80 -11.81
N TYR B 118 -8.37 -28.04 -10.90
CA TYR B 118 -8.25 -29.16 -9.97
C TYR B 118 -9.40 -30.14 -10.01
N ASN B 119 -10.54 -29.80 -10.59
CA ASN B 119 -11.74 -30.61 -10.44
C ASN B 119 -12.14 -31.32 -11.73
N TYR B 120 -12.39 -30.57 -12.81
CA TYR B 120 -12.89 -31.17 -14.04
C TYR B 120 -12.45 -30.32 -15.22
N LYS B 121 -11.57 -30.85 -16.06
CA LYS B 121 -11.21 -30.21 -17.31
C LYS B 121 -11.93 -30.91 -18.45
N GLN B 122 -12.69 -30.15 -19.23
CA GLN B 122 -13.44 -30.70 -20.34
C GLN B 122 -12.56 -30.77 -21.60
N ASP B 123 -12.66 -31.90 -22.30
CA ASP B 123 -11.78 -32.21 -23.41
C ASP B 123 -12.37 -31.66 -24.71
N PHE B 124 -11.68 -30.68 -25.31
CA PHE B 124 -12.06 -30.11 -26.59
C PHE B 124 -11.42 -30.82 -27.78
N SER B 125 -11.10 -32.10 -27.65
CA SER B 125 -10.66 -32.89 -28.78
C SER B 125 -11.82 -33.51 -29.55
N ASN B 126 -13.03 -33.41 -29.03
CA ASN B 126 -14.21 -34.01 -29.63
C ASN B 126 -15.39 -33.05 -29.46
N PRO B 127 -16.44 -33.22 -30.26
CA PRO B 127 -17.65 -32.41 -30.04
C PRO B 127 -18.27 -32.68 -28.67
N THR B 128 -18.48 -31.62 -27.90
CA THR B 128 -18.97 -31.71 -26.54
C THR B 128 -20.07 -30.68 -26.31
N CYS B 129 -21.03 -31.04 -25.47
CA CYS B 129 -22.10 -30.14 -25.06
C CYS B 129 -22.15 -30.11 -23.54
N ARG B 130 -22.45 -28.95 -22.99
CA ARG B 130 -22.45 -28.73 -21.55
C ARG B 130 -23.85 -28.29 -21.12
N ILE B 131 -24.49 -29.10 -20.28
CA ILE B 131 -25.88 -28.89 -19.90
C ILE B 131 -25.95 -28.69 -18.39
N LEU B 132 -26.47 -27.55 -17.96
CA LEU B 132 -26.76 -27.29 -16.57
C LEU B 132 -28.26 -27.38 -16.36
N ALA B 133 -28.68 -28.12 -15.33
CA ALA B 133 -30.09 -28.39 -15.12
C ALA B 133 -30.43 -28.19 -13.66
N THR B 134 -31.73 -28.26 -13.37
CA THR B 134 -32.27 -28.21 -12.03
C THR B 134 -33.18 -29.40 -11.83
N VAL B 135 -33.12 -30.02 -10.66
CA VAL B 135 -33.89 -31.23 -10.37
C VAL B 135 -35.20 -30.80 -9.72
N PRO B 136 -36.34 -31.02 -10.36
CA PRO B 136 -37.61 -30.57 -9.79
C PRO B 136 -37.95 -31.32 -8.51
N ALA B 137 -38.77 -30.68 -7.68
CA ALA B 137 -39.16 -31.30 -6.41
C ALA B 137 -39.93 -32.59 -6.62
N ASN B 138 -40.45 -32.82 -7.83
CA ASN B 138 -41.10 -34.09 -8.14
C ASN B 138 -40.10 -35.22 -8.30
N LEU B 139 -38.95 -34.97 -8.93
CA LEU B 139 -37.94 -36.00 -9.08
C LEU B 139 -37.36 -36.37 -7.72
N THR B 140 -37.37 -37.66 -7.41
CA THR B 140 -36.89 -38.16 -6.13
C THR B 140 -35.43 -38.58 -6.18
N ILE B 141 -34.58 -37.68 -6.65
CA ILE B 141 -33.13 -37.91 -6.62
C ILE B 141 -32.65 -37.57 -5.21
N PRO B 142 -32.00 -38.49 -4.51
CA PRO B 142 -31.48 -38.18 -3.18
C PRO B 142 -30.50 -37.03 -3.25
N LYS B 143 -30.59 -36.15 -2.30
CA LYS B 143 -29.74 -34.98 -2.22
C LYS B 143 -28.51 -35.27 -1.38
N PRO B 144 -27.39 -34.62 -1.70
CA PRO B 144 -26.26 -34.60 -0.78
C PRO B 144 -26.41 -33.47 0.23
N ALA B 145 -25.52 -33.47 1.22
CA ALA B 145 -25.60 -32.47 2.28
C ALA B 145 -25.27 -31.08 1.75
N ARG B 146 -24.34 -30.99 0.81
CA ARG B 146 -23.79 -29.70 0.39
C ARG B 146 -22.99 -29.94 -0.89
N TYR B 147 -22.62 -28.84 -1.54
CA TYR B 147 -21.73 -28.89 -2.69
C TYR B 147 -20.29 -28.75 -2.22
N MET B 148 -19.39 -29.52 -2.83
CA MET B 148 -17.99 -29.56 -2.44
C MET B 148 -17.13 -29.42 -3.68
N TRP B 149 -16.00 -28.72 -3.56
CA TRP B 149 -15.02 -28.70 -4.64
C TRP B 149 -13.67 -28.27 -4.08
N LEU B 150 -12.63 -28.55 -4.86
CA LEU B 150 -11.25 -28.26 -4.47
C LEU B 150 -10.80 -26.89 -4.90
N THR B 151 -10.11 -26.19 -4.01
CA THR B 151 -9.44 -24.94 -4.35
C THR B 151 -7.93 -25.08 -4.50
N GLN B 152 -7.32 -26.11 -3.93
CA GLN B 152 -5.90 -26.36 -4.08
C GLN B 152 -5.66 -27.85 -4.18
N CYS B 153 -4.55 -28.21 -4.82
CA CYS B 153 -4.06 -29.59 -4.80
C CYS B 153 -2.60 -29.53 -5.19
N TYR B 154 -1.72 -29.87 -4.24
CA TYR B 154 -0.27 -29.68 -4.51
C TYR B 154 0.62 -30.62 -3.72
N SER B 155 1.87 -30.74 -4.16
CA SER B 155 2.88 -31.51 -3.39
C SER B 155 3.71 -30.49 -2.61
N TYR B 156 3.99 -30.74 -1.34
CA TYR B 156 4.70 -29.72 -0.52
C TYR B 156 6.13 -30.16 -0.21
N SER B 157 7.02 -29.19 0.01
CA SER B 157 8.44 -29.45 0.38
C SER B 157 8.96 -28.24 1.14
N ALA B 158 10.21 -28.26 1.59
CA ALA B 158 10.80 -27.09 2.25
C ALA B 158 11.08 -26.02 1.19
N PHE B 159 10.87 -26.37 -0.08
CA PHE B 159 11.15 -25.46 -1.18
C PHE B 159 9.89 -24.90 -1.82
N GLY B 160 8.73 -25.07 -1.20
CA GLY B 160 7.48 -24.54 -1.70
C GLY B 160 6.55 -25.63 -2.18
N ASN B 161 5.44 -25.18 -2.77
CA ASN B 161 4.37 -26.05 -3.25
C ASN B 161 4.40 -26.16 -4.77
N THR B 162 4.00 -27.33 -5.27
CA THR B 162 3.85 -27.56 -6.70
C THR B 162 2.41 -27.95 -7.00
N PRO B 163 1.65 -27.13 -7.71
CA PRO B 163 0.25 -27.44 -7.97
C PRO B 163 0.09 -28.65 -8.88
N LEU B 164 -0.89 -29.50 -8.55
CA LEU B 164 -1.20 -30.69 -9.32
C LEU B 164 -2.48 -30.42 -10.11
N TYR B 165 -2.37 -30.41 -11.43
CA TYR B 165 -3.46 -30.00 -12.31
C TYR B 165 -4.11 -31.23 -12.92
N VAL B 166 -5.43 -31.21 -13.01
CA VAL B 166 -6.18 -32.33 -13.56
C VAL B 166 -6.06 -32.32 -15.07
N LYS B 167 -5.96 -33.51 -15.65
CA LYS B 167 -5.87 -33.70 -17.10
C LYS B 167 -7.26 -33.81 -17.70
N PRO B 168 -7.41 -33.54 -19.00
CA PRO B 168 -8.75 -33.58 -19.61
C PRO B 168 -9.39 -34.95 -19.51
N SER B 169 -10.65 -34.97 -19.08
CA SER B 169 -11.44 -36.20 -18.96
C SER B 169 -10.82 -37.20 -18.01
N GLN B 170 -10.10 -36.71 -16.99
CA GLN B 170 -9.46 -37.60 -16.03
C GLN B 170 -9.85 -37.21 -14.62
N TYR B 171 -9.19 -37.79 -13.63
CA TYR B 171 -9.50 -37.54 -12.23
C TYR B 171 -8.32 -36.84 -11.56
N THR B 172 -8.64 -36.03 -10.56
CA THR B 172 -7.60 -35.33 -9.83
C THR B 172 -6.73 -36.32 -9.06
N PRO B 173 -5.43 -36.07 -8.95
CA PRO B 173 -4.59 -36.91 -8.10
C PRO B 173 -4.88 -36.78 -6.61
N CYS B 174 -5.65 -35.77 -6.20
CA CYS B 174 -6.05 -35.58 -4.82
C CYS B 174 -7.38 -36.27 -4.51
N LEU B 175 -7.81 -37.18 -5.37
CA LEU B 175 -9.13 -37.84 -5.17
C LEU B 175 -9.10 -38.65 -3.87
N SER B 176 -8.00 -39.37 -3.63
CA SER B 176 -7.90 -40.17 -2.42
C SER B 176 -8.01 -39.30 -1.17
N LEU B 177 -7.39 -38.13 -1.18
CA LEU B 177 -7.50 -37.20 -0.07
C LEU B 177 -8.89 -36.59 0.01
N ALA B 178 -9.48 -36.23 -1.12
CA ALA B 178 -10.75 -35.52 -1.16
C ALA B 178 -11.94 -36.42 -0.84
N SER B 179 -11.75 -37.72 -0.94
CA SER B 179 -12.87 -38.69 -0.79
C SER B 179 -13.61 -38.52 0.53
N GLN B 180 -12.88 -38.19 1.59
CA GLN B 180 -13.43 -38.04 2.94
C GLN B 180 -14.39 -36.90 3.11
N GLY B 181 -14.32 -35.93 2.23
CA GLY B 181 -15.22 -34.80 2.27
C GLY B 181 -14.67 -33.61 3.03
N PHE B 182 -15.41 -32.51 2.93
CA PHE B 182 -15.08 -31.26 3.59
C PHE B 182 -16.34 -30.73 4.26
N ASP B 183 -16.19 -30.26 5.50
CA ASP B 183 -17.32 -29.71 6.24
C ASP B 183 -17.27 -28.21 6.41
N ALA B 184 -16.12 -27.58 6.15
CA ALA B 184 -15.96 -26.15 6.27
C ALA B 184 -15.23 -25.63 5.05
N ASP B 185 -15.06 -24.32 4.99
CA ASP B 185 -14.29 -23.68 3.94
C ASP B 185 -12.82 -23.66 4.32
N SER B 186 -11.96 -23.85 3.32
CA SER B 186 -10.51 -23.80 3.49
C SER B 186 -10.01 -24.86 4.46
N GLN B 187 -10.57 -26.06 4.37
CA GLN B 187 -10.17 -27.20 5.17
C GLN B 187 -9.21 -28.06 4.36
N THR B 188 -8.08 -28.42 4.97
CA THR B 188 -7.01 -29.13 4.28
C THR B 188 -6.83 -30.53 4.84
N HIS B 189 -6.71 -31.51 3.94
CA HIS B 189 -6.32 -32.86 4.29
C HIS B 189 -4.95 -33.14 3.68
N ARG B 190 -4.02 -33.60 4.50
CA ARG B 190 -2.65 -33.84 4.06
C ARG B 190 -2.34 -35.33 4.05
N ASP B 191 -1.60 -35.75 3.04
CA ASP B 191 -1.12 -37.12 2.89
C ASP B 191 0.37 -37.10 3.25
N THR B 192 0.67 -37.44 4.50
CA THR B 192 2.03 -37.27 5.00
C THR B 192 3.03 -38.22 4.35
N VAL B 193 2.58 -39.27 3.66
CA VAL B 193 3.51 -40.21 3.04
C VAL B 193 3.97 -39.69 1.69
N ASN B 194 3.03 -39.42 0.80
CA ASN B 194 3.36 -38.89 -0.53
C ASN B 194 3.58 -37.39 -0.52
N LYS B 195 3.27 -36.73 0.58
CA LYS B 195 3.41 -35.29 0.73
C LYS B 195 2.56 -34.50 -0.26
N MET B 196 1.27 -34.77 -0.22
CA MET B 196 0.26 -34.09 -1.01
C MET B 196 -0.77 -33.48 -0.08
N ALA B 197 -1.42 -32.42 -0.53
CA ALA B 197 -2.43 -31.74 0.26
C ALA B 197 -3.55 -31.26 -0.65
N ALA B 198 -4.76 -31.21 -0.10
CA ALA B 198 -5.93 -30.76 -0.84
C ALA B 198 -6.78 -29.85 0.04
N THR B 199 -7.31 -28.77 -0.55
CA THR B 199 -8.14 -27.81 0.15
C THR B 199 -9.50 -27.71 -0.52
N GLY B 200 -10.55 -27.68 0.28
CA GLY B 200 -11.89 -27.67 -0.27
C GLY B 200 -12.74 -26.48 0.11
N ARG B 201 -13.79 -26.23 -0.67
CA ARG B 201 -14.81 -25.24 -0.37
C ARG B 201 -16.17 -25.90 -0.45
N ILE B 202 -17.13 -25.31 0.26
CA ILE B 202 -18.47 -25.87 0.37
C ILE B 202 -19.50 -24.80 0.05
N ALA B 203 -20.70 -25.25 -0.31
CA ALA B 203 -21.86 -24.39 -0.50
C ALA B 203 -23.10 -25.11 0.00
N ALA B 204 -23.98 -24.36 0.67
CA ALA B 204 -25.17 -24.94 1.26
C ALA B 204 -26.14 -25.41 0.19
N MET B 205 -26.79 -26.54 0.46
CA MET B 205 -27.74 -27.16 -0.46
C MET B 205 -29.10 -26.52 -0.26
N SER B 206 -29.29 -25.38 -0.90
CA SER B 206 -30.48 -24.55 -0.72
C SER B 206 -31.46 -24.84 -1.84
N GLY B 207 -32.70 -25.19 -1.48
CA GLY B 207 -33.74 -25.42 -2.44
C GLY B 207 -33.63 -26.72 -3.20
N ASN B 208 -33.88 -26.67 -4.51
CA ASN B 208 -33.79 -27.86 -5.33
C ASN B 208 -32.33 -28.17 -5.67
N LEU B 209 -32.07 -29.44 -5.99
CA LEU B 209 -30.74 -29.86 -6.40
C LEU B 209 -30.43 -29.36 -7.80
N GLN B 210 -29.16 -29.02 -8.02
CA GLN B 210 -28.69 -28.59 -9.32
C GLN B 210 -27.51 -29.45 -9.74
N MET B 211 -27.46 -29.81 -11.01
CA MET B 211 -26.44 -30.70 -11.52
C MET B 211 -25.91 -30.15 -12.84
N ALA B 212 -24.95 -30.88 -13.41
CA ALA B 212 -24.33 -30.52 -14.66
C ALA B 212 -24.01 -31.78 -15.45
N PHE B 213 -24.28 -31.74 -16.74
CA PHE B 213 -24.05 -32.87 -17.66
C PHE B 213 -23.12 -32.40 -18.76
N VAL B 214 -22.12 -33.21 -19.07
CA VAL B 214 -21.18 -32.92 -20.16
C VAL B 214 -21.20 -34.12 -21.08
N ILE B 215 -21.71 -33.93 -22.29
CA ILE B 215 -21.97 -35.01 -23.24
C ILE B 215 -20.98 -34.89 -24.39
N SER B 216 -20.21 -35.95 -24.61
CA SER B 216 -19.22 -35.98 -25.69
C SER B 216 -19.41 -37.25 -26.51
N VAL B 217 -19.46 -37.10 -27.83
CA VAL B 217 -19.68 -38.20 -28.74
C VAL B 217 -18.44 -38.36 -29.61
N GLN B 218 -18.32 -39.53 -30.23
CA GLN B 218 -17.18 -39.83 -31.08
C GLN B 218 -17.65 -40.47 -32.39
N TYR B 219 -16.83 -40.29 -33.42
CA TYR B 219 -17.09 -40.87 -34.74
C TYR B 219 -15.93 -41.79 -35.11
N ALA B 223 -19.42 -46.52 -36.88
CA ALA B 223 -20.09 -45.35 -36.32
C ALA B 223 -21.61 -45.47 -36.34
N ASN B 224 -22.17 -46.53 -36.89
CA ASN B 224 -23.61 -46.71 -36.89
C ASN B 224 -24.11 -47.49 -35.68
N SER B 225 -23.24 -47.74 -34.71
CA SER B 225 -23.67 -48.45 -33.50
C SER B 225 -24.67 -47.63 -32.71
N VAL B 226 -24.34 -46.38 -32.39
CA VAL B 226 -25.17 -45.54 -31.54
C VAL B 226 -25.98 -44.61 -32.42
N CYS B 227 -27.30 -44.73 -32.34
CA CYS B 227 -28.22 -43.98 -33.17
C CYS B 227 -29.46 -43.63 -32.36
N PRO B 228 -30.20 -42.59 -32.74
CA PRO B 228 -31.51 -42.35 -32.13
C PRO B 228 -32.55 -43.34 -32.64
N MET B 229 -33.82 -43.13 -32.28
CA MET B 229 -34.89 -44.04 -32.71
C MET B 229 -34.96 -44.23 -34.23
C1 NAG C . -21.41 -9.38 13.52
C2 NAG C . -22.09 -10.59 12.89
C3 NAG C . -23.11 -11.20 13.84
C4 NAG C . -22.50 -11.47 15.21
C5 NAG C . -21.85 -10.20 15.73
C6 NAG C . -21.12 -10.38 17.04
C7 NAG C . -22.36 -10.66 10.44
C8 NAG C . -23.16 -10.16 9.28
N2 NAG C . -22.75 -10.21 11.64
O3 NAG C . -23.59 -12.43 13.29
O4 NAG C . -23.51 -11.89 16.11
O5 NAG C . -20.87 -9.75 14.78
O6 NAG C . -20.33 -11.56 17.02
O7 NAG C . -21.43 -11.44 10.31
C1 NAG C . -23.24 -13.20 16.63
C2 NAG C . -24.23 -13.46 17.77
C3 NAG C . -24.04 -14.87 18.33
C4 NAG C . -24.09 -15.90 17.22
C5 NAG C . -23.09 -15.54 16.13
C6 NAG C . -23.14 -16.48 14.94
C7 NAG C . -24.65 -11.26 18.78
C8 NAG C . -24.37 -10.36 19.95
N2 NAG C . -24.08 -12.47 18.82
O3 NAG C . -25.08 -15.12 19.28
O4 NAG C . -23.78 -17.19 17.73
O5 NAG C . -23.37 -14.22 15.64
O6 NAG C . -21.84 -16.97 14.62
O7 NAG C . -25.36 -10.91 17.84
C1 NAG D . -8.45 -4.13 -25.78
C2 NAG D . -9.15 -2.76 -25.77
C3 NAG D . -10.65 -2.93 -25.93
C4 NAG D . -11.00 -3.82 -27.11
C5 NAG D . -10.24 -5.13 -27.02
C6 NAG D . -10.43 -6.04 -28.19
C7 NAG D . -8.21 -0.86 -24.55
C8 NAG D . -7.99 -0.23 -23.20
N2 NAG D . -8.84 -2.03 -24.56
O3 NAG D . -11.25 -1.64 -26.09
O4 NAG D . -12.39 -4.10 -27.12
O5 NAG D . -8.83 -4.85 -26.94
O6 NAG D . -9.54 -7.14 -28.14
O7 NAG D . -7.81 -0.32 -25.58
C1 NAG D . -13.07 -3.36 -28.15
C2 NAG D . -14.57 -3.69 -28.05
C3 NAG D . -15.37 -2.87 -29.07
C4 NAG D . -15.06 -1.39 -28.91
C5 NAG D . -13.55 -1.15 -29.00
C6 NAG D . -13.16 0.29 -28.74
C7 NAG D . -15.02 -5.98 -27.28
C8 NAG D . -15.24 -7.41 -27.69
N2 NAG D . -14.80 -5.11 -28.27
O3 NAG D . -16.76 -3.09 -28.86
O4 NAG D . -15.72 -0.64 -29.93
O5 NAG D . -12.89 -1.95 -28.01
O6 NAG D . -11.83 0.40 -28.27
O7 NAG D . -15.06 -5.62 -26.11
C1 NAG E . 0.81 23.89 -27.54
C2 NAG E . 1.72 24.82 -26.75
C3 NAG E . 1.74 26.21 -27.40
C4 NAG E . 2.11 26.10 -28.87
C5 NAG E . 1.16 25.13 -29.57
C6 NAG E . 1.51 24.89 -31.01
C7 NAG E . 2.03 24.43 -24.35
C8 NAG E . 1.45 24.61 -22.98
N2 NAG E . 1.31 24.92 -25.36
O3 NAG E . 2.68 27.03 -26.72
O4 NAG E . 2.03 27.38 -29.49
O5 NAG E . 1.22 23.85 -28.91
O6 NAG E . 0.37 25.03 -31.86
O7 NAG E . 3.11 23.88 -24.53
C1 NAG E . 3.36 27.86 -29.75
C2 NAG E . 3.26 29.08 -30.68
C3 NAG E . 4.66 29.66 -30.94
C4 NAG E . 5.37 29.94 -29.63
C5 NAG E . 5.38 28.70 -28.75
C6 NAG E . 5.97 28.94 -27.38
C7 NAG E . 1.30 28.89 -32.14
C8 NAG E . 0.80 28.48 -33.49
N2 NAG E . 2.61 28.74 -31.93
O3 NAG E . 4.53 30.86 -31.69
O4 NAG E . 6.71 30.35 -29.88
O5 NAG E . 4.04 28.23 -28.54
O6 NAG E . 7.39 28.89 -27.41
O7 NAG E . 0.55 29.32 -31.27
C1 NAG F . -22.09 -16.06 -4.25
C2 NAG F . -23.29 -16.72 -3.55
C3 NAG F . -24.37 -17.10 -4.56
C4 NAG F . -24.73 -15.94 -5.47
C5 NAG F . -23.46 -15.34 -6.07
C6 NAG F . -23.73 -14.09 -6.88
C7 NAG F . -22.83 -17.91 -1.46
C8 NAG F . -22.38 -19.19 -0.83
N2 NAG F . -22.87 -17.88 -2.78
O3 NAG F . -25.53 -17.55 -3.87
O4 NAG F . -25.53 -16.40 -6.54
O5 NAG F . -22.55 -14.96 -5.03
O6 NAG F . -23.27 -14.24 -8.22
O7 NAG F . -23.15 -16.94 -0.77
C1 NAG F . -26.94 -16.23 -6.31
C2 NAG F . -27.60 -15.94 -7.67
C3 NAG F . -29.11 -15.84 -7.50
C4 NAG F . -29.67 -17.06 -6.80
C5 NAG F . -28.92 -17.32 -5.50
C6 NAG F . -29.31 -18.62 -4.83
C7 NAG F . -26.60 -14.67 -9.51
C8 NAG F . -26.09 -13.34 -9.96
N2 NAG F . -27.06 -14.73 -8.26
O3 NAG F . -29.72 -15.71 -8.79
O4 NAG F . -31.05 -16.87 -6.51
O5 NAG F . -27.51 -17.41 -5.75
O6 NAG F . -28.58 -19.72 -5.36
O7 NAG F . -26.57 -15.66 -10.24
C1 NAG G . -9.91 23.76 -5.43
C2 NAG G . -10.34 23.49 -3.99
C3 NAG G . -11.52 22.51 -3.97
C4 NAG G . -12.65 23.02 -4.85
C5 NAG G . -12.12 23.27 -6.25
C6 NAG G . -13.16 23.86 -7.18
C7 NAG G . -8.51 23.68 -2.36
C8 NAG G . -7.42 22.96 -1.64
N2 NAG G . -9.24 22.95 -3.20
O3 NAG G . -11.97 22.35 -2.62
O4 NAG G . -13.70 22.07 -4.90
O5 NAG G . -11.04 24.22 -6.20
O6 NAG G . -13.55 25.17 -6.78
O7 NAG G . -8.70 24.88 -2.20
C1 NAG H . 19.46 -15.04 19.60
C2 NAG H . 20.76 -15.21 18.80
C3 NAG H . 21.51 -16.47 19.25
C4 NAG H . 21.69 -16.50 20.76
C5 NAG H . 20.31 -16.36 21.41
C6 NAG H . 20.36 -16.35 22.92
C7 NAG H . 21.14 -14.61 16.45
C8 NAG H . 20.68 -14.81 15.04
N2 NAG H . 20.46 -15.28 17.39
O3 NAG H . 22.80 -16.50 18.62
O4 NAG H . 22.30 -17.71 21.16
O5 NAG H . 19.73 -15.13 21.00
O6 NAG H . 21.63 -15.94 23.40
O7 NAG H . 22.09 -13.88 16.72
C1 NAG I . 29.39 -6.73 -3.61
C2 NAG I . 29.37 -5.22 -3.42
C3 NAG I . 30.63 -4.58 -4.01
C4 NAG I . 31.88 -5.28 -3.50
C5 NAG I . 31.78 -6.78 -3.74
C6 NAG I . 32.95 -7.56 -3.18
C7 NAG I . 27.34 -3.84 -3.34
C8 NAG I . 26.18 -3.30 -4.13
N2 NAG I . 28.19 -4.61 -4.02
O3 NAG I . 30.68 -3.21 -3.66
O4 NAG I . 33.04 -4.79 -4.17
O5 NAG I . 30.60 -7.28 -3.10
O6 NAG I . 32.67 -8.04 -1.87
O7 NAG I . 27.48 -3.58 -2.16
C1 NAG J . 18.88 -26.00 -3.37
C2 NAG J . 19.83 -26.44 -4.49
C3 NAG J . 19.07 -26.49 -5.82
C4 NAG J . 17.81 -27.33 -5.69
C5 NAG J . 16.98 -26.88 -4.49
C6 NAG J . 15.81 -27.80 -4.21
C7 NAG J . 22.16 -25.83 -4.05
C8 NAG J . 23.23 -24.78 -4.24
N2 NAG J . 20.97 -25.54 -4.59
O3 NAG J . 19.92 -27.04 -6.81
O4 NAG J . 17.01 -27.19 -6.86
O5 NAG J . 17.79 -26.89 -3.31
O6 NAG J . 16.25 -29.13 -3.97
O7 NAG J . 22.38 -26.87 -3.46
C1 NAG K . 19.22 -34.94 13.00
C2 NAG K . 20.43 -34.82 13.93
C3 NAG K . 20.73 -36.16 14.57
C4 NAG K . 19.49 -36.67 15.31
C5 NAG K . 18.32 -36.73 14.34
C6 NAG K . 17.02 -37.11 15.02
C7 NAG K . 22.09 -33.10 13.42
C8 NAG K . 23.40 -32.80 12.75
N2 NAG K . 21.60 -34.32 13.22
O3 NAG K . 21.83 -36.03 15.45
O4 NAG K . 19.74 -37.97 15.82
O5 NAG K . 18.10 -35.44 13.73
O6 NAG K . 16.66 -36.15 16.00
O7 NAG K . 21.49 -32.27 14.09
ZN ZN L . -1.30 0.17 -2.43
C1 NAG M . -17.56 -41.04 -6.04
C2 NAG M . -17.02 -41.64 -4.75
C3 NAG M . -17.57 -43.05 -4.56
C4 NAG M . -19.09 -43.02 -4.59
C5 NAG M . -19.56 -42.37 -5.88
C6 NAG M . -21.06 -42.18 -5.92
C7 NAG M . -14.84 -40.90 -3.92
C8 NAG M . -15.61 -40.01 -2.99
N2 NAG M . -15.57 -41.68 -4.73
O3 NAG M . -17.09 -43.58 -3.33
O4 NAG M . -19.58 -44.36 -4.52
O5 NAG M . -18.98 -41.06 -6.02
O6 NAG M . -21.47 -41.57 -7.13
O7 NAG M . -13.61 -40.90 -3.96
C1 NAG N . -38.45 -39.25 -27.26
C2 NAG N . -39.59 -39.79 -28.12
C3 NAG N . -40.77 -38.82 -28.12
C4 NAG N . -41.18 -38.45 -26.71
C5 NAG N . -39.97 -37.93 -25.94
C6 NAG N . -40.28 -37.62 -24.49
C7 NAG N . -39.47 -41.15 -30.16
C8 NAG N . -38.93 -41.24 -31.55
N2 NAG N . -39.15 -40.05 -29.47
O3 NAG N . -41.87 -39.43 -28.79
O4 NAG N . -42.19 -37.44 -26.75
O5 NAG N . -38.94 -38.91 -25.95
O6 NAG N . -41.60 -37.99 -24.14
O7 NAG N . -40.14 -42.05 -29.66
#